data_7CBJ
#
_entry.id   7CBJ
#
_cell.length_a   58.124
_cell.length_b   80.463
_cell.length_c   164.096
_cell.angle_alpha   90.000
_cell.angle_beta   90.000
_cell.angle_gamma   90.000
#
_symmetry.space_group_name_H-M   'P 21 21 21'
#
loop_
_entity.id
_entity.type
_entity.pdbx_description
1 polymer "cAMP-specific 3',5'-cyclic phosphodiesterase 4D"
2 non-polymer 'ZINC ION'
3 non-polymer 'MAGNESIUM ION'
4 non-polymer (1S)-1-[(7-chloranyl-1H-indol-3-yl)methyl]-6,7-dimethoxy-3,4-dihydro-1H-isoquinoline-2-carbaldehyde
5 non-polymer 1,2-ETHANEDIOL
6 water water
#
_entity_poly.entity_id   1
_entity_poly.type   'polypeptide(L)'
_entity_poly.pdbx_seq_one_letter_code
;MGSSHHHHHHSSGLVPRGSHMTEQEDVLAKELEDVNKWGLHVFRIAELSGNRPLTVIMHTIFQERDLLKTFKIPVDTLIT
YLMTLEDHYHADVAYHNNIHAADVVQSTHVLLSTPALEAVFTDLEILAAIFASAIHDVDHPGVSNQFLINTNSELALMYN
DSSVLENHHLAVGFKLLQEENCDIFQNLTKKQRQSLRKMVIDIVLATDMSKHMNLLADLKTMVETKKVTSSGVLLLDNYS
DRIQVLQNMVHCADLSNPTKPLQLYRQWTDRIMEEFFRQGDRERERGMEISPMCDKHNASVEKSQVGFIDYIVHPLWETW
ADLVHPDAQDILDTLEDNREWYQSTIPQS
;
_entity_poly.pdbx_strand_id   A,B
#
loop_
_chem_comp.id
_chem_comp.type
_chem_comp.name
_chem_comp.formula
EDO non-polymer 1,2-ETHANEDIOL 'C2 H6 O2'
FTX non-polymer (1S)-1-[(7-chloranyl-1H-indol-3-yl)methyl]-6,7-dimethoxy-3,4-dihydro-1H-isoquinoline-2-carbaldehyde 'C21 H21 Cl N2 O3'
MG non-polymer 'MAGNESIUM ION' 'Mg 2'
ZN non-polymer 'ZINC ION' 'Zn 2'
#
# COMPACT_ATOMS: atom_id res chain seq x y z
N THR A 22 -22.93 -41.58 -5.34
CA THR A 22 -23.45 -40.61 -4.40
C THR A 22 -23.28 -41.13 -2.97
N GLU A 23 -22.72 -42.33 -2.82
CA GLU A 23 -22.08 -42.65 -1.56
C GLU A 23 -21.00 -41.62 -1.24
N GLN A 24 -20.27 -41.16 -2.27
CA GLN A 24 -19.27 -40.13 -2.02
C GLN A 24 -19.92 -38.85 -1.52
N GLU A 25 -21.06 -38.48 -2.08
CA GLU A 25 -21.72 -37.25 -1.63
C GLU A 25 -22.28 -37.43 -0.22
N ASP A 26 -22.74 -38.65 0.08
CA ASP A 26 -23.13 -39.04 1.44
C ASP A 26 -22.01 -38.76 2.43
N VAL A 27 -20.82 -39.30 2.16
CA VAL A 27 -19.71 -39.15 3.08
C VAL A 27 -19.30 -37.69 3.18
N LEU A 28 -19.34 -36.95 2.04
CA LEU A 28 -18.98 -35.54 2.09
C LEU A 28 -19.93 -34.80 3.01
N ALA A 29 -21.22 -35.06 2.88
CA ALA A 29 -22.20 -34.38 3.72
C ALA A 29 -21.97 -34.65 5.18
N LYS A 30 -21.65 -35.90 5.52
CA LYS A 30 -21.37 -36.23 6.91
C LYS A 30 -20.16 -35.47 7.42
N GLU A 31 -19.09 -35.40 6.62
CA GLU A 31 -17.89 -34.66 7.04
C GLU A 31 -18.20 -33.18 7.22
N LEU A 32 -19.03 -32.61 6.34
CA LEU A 32 -19.36 -31.19 6.52
C LEU A 32 -20.23 -30.92 7.76
N GLU A 33 -20.81 -31.96 8.39
CA GLU A 33 -21.47 -31.75 9.67
C GLU A 33 -20.50 -31.24 10.74
N ASP A 34 -19.18 -31.37 10.51
CA ASP A 34 -18.19 -30.94 11.49
C ASP A 34 -17.74 -29.49 11.30
N VAL A 35 -18.44 -28.71 10.47
CA VAL A 35 -17.91 -27.40 10.14
C VAL A 35 -17.79 -26.45 11.32
N ASN A 36 -18.48 -26.69 12.43
CA ASN A 36 -18.35 -25.81 13.57
C ASN A 36 -17.24 -26.27 14.52
N LYS A 37 -16.47 -27.28 14.14
CA LYS A 37 -15.47 -27.91 15.01
C LYS A 37 -14.04 -27.60 14.59
N TRP A 38 -13.19 -27.29 15.59
CA TRP A 38 -11.75 -27.19 15.37
C TRP A 38 -11.23 -28.57 15.06
N GLY A 39 -10.51 -28.72 13.97
CA GLY A 39 -10.04 -30.05 13.64
C GLY A 39 -10.84 -30.77 12.57
N LEU A 40 -11.73 -30.05 11.87
CA LEU A 40 -12.37 -30.54 10.64
C LEU A 40 -11.42 -31.29 9.71
N HIS A 41 -11.92 -32.36 9.09
CA HIS A 41 -11.06 -33.19 8.23
C HIS A 41 -10.94 -32.56 6.86
N VAL A 42 -10.17 -31.46 6.79
CA VAL A 42 -10.27 -30.60 5.62
C VAL A 42 -9.62 -31.26 4.40
N PHE A 43 -8.60 -32.11 4.60
CA PHE A 43 -8.00 -32.79 3.46
C PHE A 43 -8.96 -33.83 2.93
N ARG A 44 -9.71 -34.51 3.83
CA ARG A 44 -10.72 -35.45 3.36
C ARG A 44 -11.81 -34.73 2.58
N ILE A 45 -12.26 -33.58 3.09
CA ILE A 45 -13.26 -32.80 2.35
C ILE A 45 -12.75 -32.38 0.98
N ALA A 46 -11.46 -32.00 0.89
CA ALA A 46 -10.91 -31.66 -0.42
C ALA A 46 -11.00 -32.83 -1.39
N GLU A 47 -10.68 -34.06 -0.94
CA GLU A 47 -10.81 -35.22 -1.82
C GLU A 47 -12.28 -35.55 -2.15
N LEU A 48 -13.14 -35.54 -1.12
CA LEU A 48 -14.52 -35.99 -1.31
C LEU A 48 -15.31 -35.02 -2.17
N SER A 49 -14.89 -33.76 -2.17
CA SER A 49 -15.62 -32.77 -2.95
C SER A 49 -15.04 -32.58 -4.35
N GLY A 50 -14.08 -33.41 -4.74
CA GLY A 50 -13.48 -33.25 -6.07
C GLY A 50 -12.61 -32.02 -6.18
N ASN A 51 -11.81 -31.78 -5.16
CA ASN A 51 -10.88 -30.63 -5.06
C ASN A 51 -11.64 -29.30 -5.04
N ARG A 52 -12.79 -29.29 -4.39
CA ARG A 52 -13.57 -28.07 -4.18
C ARG A 52 -13.80 -27.81 -2.69
N PRO A 53 -12.77 -27.93 -1.84
CA PRO A 53 -13.01 -27.66 -0.41
C PRO A 53 -13.44 -26.25 -0.15
N LEU A 54 -12.86 -25.26 -0.85
CA LEU A 54 -13.26 -23.88 -0.55
C LEU A 54 -14.73 -23.62 -0.90
N THR A 55 -15.17 -24.14 -2.05
CA THR A 55 -16.56 -23.94 -2.47
C THR A 55 -17.52 -24.61 -1.47
N VAL A 56 -17.26 -25.87 -1.12
CA VAL A 56 -18.26 -26.54 -0.30
C VAL A 56 -18.21 -26.08 1.14
N ILE A 57 -17.03 -25.71 1.65
CA ILE A 57 -16.97 -25.21 3.03
C ILE A 57 -17.57 -23.81 3.11
N MET A 58 -17.25 -22.92 2.16
CA MET A 58 -17.90 -21.61 2.16
C MET A 58 -19.41 -21.73 2.02
N HIS A 59 -19.90 -22.57 1.08
CA HIS A 59 -21.35 -22.70 0.93
C HIS A 59 -21.98 -23.21 2.23
N THR A 60 -21.37 -24.21 2.87
CA THR A 60 -21.88 -24.73 4.14
C THR A 60 -21.94 -23.64 5.20
N ILE A 61 -20.88 -22.83 5.31
CA ILE A 61 -20.86 -21.79 6.33
C ILE A 61 -21.88 -20.69 6.02
N PHE A 62 -22.05 -20.34 4.76
CA PHE A 62 -23.04 -19.32 4.42
C PHE A 62 -24.44 -19.79 4.77
N GLN A 63 -24.75 -21.07 4.51
CA GLN A 63 -26.04 -21.60 4.93
C GLN A 63 -26.14 -21.65 6.46
N GLU A 64 -25.06 -22.05 7.15
CA GLU A 64 -25.11 -22.19 8.60
C GLU A 64 -25.39 -20.86 9.28
N ARG A 65 -24.82 -19.77 8.75
CA ARG A 65 -24.98 -18.44 9.27
C ARG A 65 -26.13 -17.67 8.63
N ASP A 66 -26.89 -18.29 7.73
CA ASP A 66 -28.05 -17.67 7.06
C ASP A 66 -27.65 -16.43 6.27
N LEU A 67 -26.42 -16.43 5.75
CA LEU A 67 -25.91 -15.26 5.06
C LEU A 67 -26.58 -15.07 3.70
N LEU A 68 -26.98 -16.14 3.01
CA LEU A 68 -27.65 -15.93 1.72
C LEU A 68 -28.96 -15.18 1.91
N LYS A 69 -29.77 -15.59 2.90
CA LYS A 69 -31.01 -14.90 3.22
C LYS A 69 -30.75 -13.46 3.66
N THR A 70 -29.76 -13.27 4.55
CA THR A 70 -29.56 -11.95 5.15
C THR A 70 -29.15 -10.92 4.09
N PHE A 71 -28.29 -11.36 3.18
CA PHE A 71 -27.75 -10.46 2.19
C PHE A 71 -28.35 -10.68 0.81
N LYS A 72 -29.44 -11.45 0.73
CA LYS A 72 -30.14 -11.73 -0.53
C LYS A 72 -29.15 -12.17 -1.60
N ILE A 73 -28.29 -13.13 -1.27
CA ILE A 73 -27.30 -13.65 -2.20
C ILE A 73 -27.92 -14.79 -2.99
N PRO A 74 -28.04 -14.70 -4.32
CA PRO A 74 -28.53 -15.87 -5.07
C PRO A 74 -27.55 -17.03 -4.97
N VAL A 75 -28.12 -18.23 -4.76
CA VAL A 75 -27.31 -19.41 -4.53
C VAL A 75 -26.41 -19.67 -5.73
N ASP A 76 -26.95 -19.51 -6.94
CA ASP A 76 -26.17 -19.79 -8.14
C ASP A 76 -25.03 -18.78 -8.30
N THR A 77 -25.27 -17.52 -7.92
CA THR A 77 -24.21 -16.52 -7.92
C THR A 77 -23.11 -16.89 -6.93
N LEU A 78 -23.50 -17.27 -5.70
CA LEU A 78 -22.51 -17.68 -4.72
C LEU A 78 -21.66 -18.84 -5.23
N ILE A 79 -22.29 -19.87 -5.81
CA ILE A 79 -21.52 -21.02 -6.25
C ILE A 79 -20.60 -20.63 -7.43
N THR A 80 -21.10 -19.81 -8.34
CA THR A 80 -20.30 -19.40 -9.48
C THR A 80 -19.08 -18.61 -9.00
N TYR A 81 -19.28 -17.65 -8.11
CA TYR A 81 -18.13 -16.91 -7.58
C TYR A 81 -17.18 -17.84 -6.86
N LEU A 82 -17.71 -18.70 -5.98
CA LEU A 82 -16.79 -19.57 -5.21
C LEU A 82 -15.97 -20.47 -6.14
N MET A 83 -16.60 -20.99 -7.20
CA MET A 83 -15.84 -21.87 -8.08
CA MET A 83 -15.88 -21.86 -8.13
C MET A 83 -14.78 -21.09 -8.84
N THR A 84 -15.11 -19.87 -9.27
CA THR A 84 -14.09 -19.05 -9.93
C THR A 84 -12.97 -18.64 -8.97
N LEU A 85 -13.32 -18.24 -7.74
CA LEU A 85 -12.30 -17.91 -6.75
C LEU A 85 -11.40 -19.10 -6.50
N GLU A 86 -12.01 -20.29 -6.31
CA GLU A 86 -11.23 -21.49 -6.03
C GLU A 86 -10.29 -21.82 -7.20
N ASP A 87 -10.77 -21.59 -8.44
CA ASP A 87 -9.96 -21.83 -9.63
C ASP A 87 -8.74 -20.96 -9.63
N HIS A 88 -8.80 -19.74 -9.04
CA HIS A 88 -7.67 -18.85 -9.05
C HIS A 88 -6.67 -19.07 -7.92
N TYR A 89 -6.90 -20.08 -7.09
CA TYR A 89 -5.79 -20.62 -6.28
C TYR A 89 -5.01 -21.61 -7.14
N HIS A 90 -3.71 -21.69 -6.94
CA HIS A 90 -2.90 -22.56 -7.79
C HIS A 90 -2.96 -23.99 -7.30
N ALA A 91 -3.43 -24.91 -8.17
CA ALA A 91 -3.45 -26.30 -7.75
C ALA A 91 -2.05 -26.92 -7.68
N ASP A 92 -1.02 -26.28 -8.23
CA ASP A 92 0.31 -26.85 -8.18
C ASP A 92 1.20 -26.25 -7.08
N VAL A 93 0.64 -25.48 -6.14
CA VAL A 93 1.41 -24.96 -5.02
C VAL A 93 1.07 -25.81 -3.80
N ALA A 94 2.09 -26.27 -3.07
CA ALA A 94 1.82 -27.31 -2.05
C ALA A 94 1.04 -26.80 -0.84
N TYR A 95 1.27 -25.54 -0.43
CA TYR A 95 0.68 -25.04 0.81
C TYR A 95 -0.37 -23.97 0.50
N HIS A 96 0.01 -22.92 -0.23
CA HIS A 96 -0.87 -21.76 -0.46
C HIS A 96 -1.89 -21.97 -1.58
N ASN A 97 -2.76 -22.93 -1.37
CA ASN A 97 -3.70 -23.40 -2.38
C ASN A 97 -5.11 -23.33 -1.79
N ASN A 98 -6.11 -23.86 -2.52
CA ASN A 98 -7.49 -23.79 -2.10
C ASN A 98 -7.77 -24.54 -0.80
N ILE A 99 -6.96 -25.54 -0.45
CA ILE A 99 -7.21 -26.25 0.83
C ILE A 99 -6.83 -25.34 1.99
N HIS A 100 -5.71 -24.61 1.85
CA HIS A 100 -5.37 -23.60 2.86
C HIS A 100 -6.45 -22.55 3.00
N ALA A 101 -6.93 -22.01 1.87
CA ALA A 101 -8.03 -21.03 1.92
C ALA A 101 -9.23 -21.58 2.68
N ALA A 102 -9.64 -22.80 2.33
CA ALA A 102 -10.79 -23.40 2.99
C ALA A 102 -10.55 -23.56 4.49
N ASP A 103 -9.32 -23.94 4.86
CA ASP A 103 -8.98 -24.12 6.27
C ASP A 103 -9.04 -22.80 7.01
N VAL A 104 -8.50 -21.72 6.40
CA VAL A 104 -8.56 -20.42 7.11
C VAL A 104 -10.00 -19.92 7.22
N VAL A 105 -10.82 -20.10 6.16
CA VAL A 105 -12.25 -19.78 6.23
C VAL A 105 -12.89 -20.52 7.38
N GLN A 106 -12.69 -21.84 7.46
CA GLN A 106 -13.39 -22.60 8.48
C GLN A 106 -12.90 -22.24 9.89
N SER A 107 -11.59 -21.98 10.01
CA SER A 107 -11.05 -21.62 11.31
C SER A 107 -11.59 -20.25 11.78
N THR A 108 -11.64 -19.28 10.83
CA THR A 108 -12.27 -17.98 11.14
C THR A 108 -13.72 -18.15 11.54
N HIS A 109 -14.46 -19.03 10.85
CA HIS A 109 -15.84 -19.31 11.21
C HIS A 109 -15.98 -19.83 12.66
N VAL A 110 -15.05 -20.72 13.09
CA VAL A 110 -15.11 -21.19 14.47
C VAL A 110 -14.73 -20.10 15.45
N LEU A 111 -13.68 -19.31 15.10
CA LEU A 111 -13.28 -18.23 16.04
C LEU A 111 -14.37 -17.18 16.19
N LEU A 112 -15.14 -16.91 15.13
CA LEU A 112 -16.23 -15.93 15.19
C LEU A 112 -17.32 -16.37 16.15
N SER A 113 -17.47 -17.68 16.37
CA SER A 113 -18.49 -18.25 17.24
C SER A 113 -18.07 -18.33 18.70
N THR A 114 -16.92 -17.78 19.05
CA THR A 114 -16.48 -17.95 20.43
C THR A 114 -17.42 -17.21 21.39
N PRO A 115 -17.74 -17.79 22.53
CA PRO A 115 -18.71 -17.16 23.44
C PRO A 115 -18.36 -15.72 23.80
N ALA A 116 -17.09 -15.38 23.97
CA ALA A 116 -16.68 -14.01 24.31
C ALA A 116 -17.01 -12.97 23.24
N LEU A 117 -17.36 -13.40 22.03
CA LEU A 117 -17.73 -12.49 20.95
C LEU A 117 -19.21 -12.58 20.59
N GLU A 118 -20.04 -13.24 21.40
CA GLU A 118 -21.45 -13.39 21.04
C GLU A 118 -22.14 -12.02 20.90
N ALA A 119 -22.76 -11.80 19.74
CA ALA A 119 -23.52 -10.60 19.39
C ALA A 119 -22.64 -9.37 19.32
N VAL A 120 -21.32 -9.54 19.23
CA VAL A 120 -20.43 -8.40 19.14
C VAL A 120 -20.40 -7.85 17.72
N PHE A 121 -20.24 -8.73 16.72
CA PHE A 121 -20.10 -8.28 15.35
C PHE A 121 -21.43 -8.29 14.59
N THR A 122 -21.60 -7.30 13.70
CA THR A 122 -22.76 -7.26 12.81
C THR A 122 -22.64 -8.37 11.75
N ASP A 123 -23.79 -8.66 11.13
CA ASP A 123 -23.78 -9.58 9.98
C ASP A 123 -22.78 -9.12 8.91
N LEU A 124 -22.67 -7.81 8.67
CA LEU A 124 -21.75 -7.30 7.65
C LEU A 124 -20.30 -7.55 8.03
N GLU A 125 -19.97 -7.39 9.32
CA GLU A 125 -18.61 -7.65 9.77
C GLU A 125 -18.28 -9.14 9.68
N ILE A 126 -19.26 -10.00 10.02
CA ILE A 126 -19.07 -11.43 9.89
C ILE A 126 -18.85 -11.81 8.42
N LEU A 127 -19.68 -11.25 7.53
CA LEU A 127 -19.49 -11.48 6.08
C LEU A 127 -18.11 -11.01 5.63
N ALA A 128 -17.66 -9.86 6.12
CA ALA A 128 -16.34 -9.36 5.73
C ALA A 128 -15.23 -10.29 6.17
N ALA A 129 -15.29 -10.78 7.42
CA ALA A 129 -14.23 -11.63 7.92
C ALA A 129 -14.16 -12.94 7.16
N ILE A 130 -15.34 -13.53 6.88
CA ILE A 130 -15.33 -14.80 6.14
C ILE A 130 -14.89 -14.60 4.69
N PHE A 131 -15.40 -13.55 4.03
CA PHE A 131 -14.96 -13.30 2.65
C PHE A 131 -13.46 -13.01 2.57
N ALA A 132 -12.97 -12.17 3.51
CA ALA A 132 -11.54 -11.89 3.55
C ALA A 132 -10.73 -13.17 3.70
N SER A 133 -11.18 -14.09 4.57
CA SER A 133 -10.46 -15.36 4.74
C SER A 133 -10.47 -16.15 3.43
N ALA A 134 -11.58 -16.13 2.72
CA ALA A 134 -11.66 -16.94 1.50
C ALA A 134 -10.71 -16.44 0.41
N ILE A 135 -10.57 -15.10 0.31
CA ILE A 135 -9.74 -14.54 -0.77
C ILE A 135 -8.31 -14.29 -0.33
N HIS A 136 -7.96 -14.55 0.94
CA HIS A 136 -6.79 -13.88 1.48
C HIS A 136 -5.47 -14.32 0.87
N ASP A 137 -5.41 -15.46 0.16
CA ASP A 137 -4.17 -15.90 -0.50
C ASP A 137 -4.43 -16.23 -1.97
N VAL A 138 -5.50 -15.67 -2.58
CA VAL A 138 -5.83 -16.13 -3.93
C VAL A 138 -4.75 -15.76 -4.93
N ASP A 139 -4.48 -16.68 -5.87
CA ASP A 139 -3.42 -16.46 -6.90
C ASP A 139 -2.03 -16.38 -6.28
N HIS A 140 -1.81 -16.98 -5.11
CA HIS A 140 -0.48 -17.01 -4.49
C HIS A 140 0.49 -17.88 -5.32
N PRO A 141 1.65 -17.37 -5.70
CA PRO A 141 2.56 -18.14 -6.57
C PRO A 141 3.43 -19.15 -5.86
N GLY A 142 3.33 -19.25 -4.55
CA GLY A 142 4.16 -20.16 -3.77
C GLY A 142 5.54 -19.67 -3.44
N VAL A 143 5.80 -18.36 -3.57
CA VAL A 143 7.06 -17.75 -3.13
C VAL A 143 6.71 -16.55 -2.28
N SER A 144 7.68 -16.13 -1.44
CA SER A 144 7.42 -15.07 -0.47
C SER A 144 7.47 -13.65 -1.10
N ASN A 145 6.99 -12.68 -0.33
CA ASN A 145 7.16 -11.26 -0.71
C ASN A 145 8.62 -10.93 -0.91
N GLN A 146 9.50 -11.40 -0.02
CA GLN A 146 10.90 -11.03 -0.16
C GLN A 146 11.48 -11.60 -1.44
N PHE A 147 11.11 -12.86 -1.80
CA PHE A 147 11.58 -13.42 -3.06
C PHE A 147 11.10 -12.58 -4.24
N LEU A 148 9.83 -12.15 -4.21
CA LEU A 148 9.26 -11.36 -5.31
C LEU A 148 9.96 -10.01 -5.42
N ILE A 149 10.29 -9.41 -4.29
CA ILE A 149 11.05 -8.14 -4.31
C ILE A 149 12.47 -8.34 -4.84
N ASN A 150 13.16 -9.38 -4.35
CA ASN A 150 14.58 -9.55 -4.67
C ASN A 150 14.80 -9.96 -6.10
N THR A 151 13.82 -10.63 -6.72
CA THR A 151 13.86 -11.03 -8.10
C THR A 151 13.27 -9.98 -9.05
N ASN A 152 12.89 -8.80 -8.56
CA ASN A 152 12.39 -7.72 -9.42
C ASN A 152 11.18 -8.19 -10.23
N SER A 153 10.31 -8.94 -9.57
CA SER A 153 9.12 -9.49 -10.21
C SER A 153 8.17 -8.38 -10.66
N GLU A 154 7.31 -8.72 -11.61
CA GLU A 154 6.25 -7.80 -12.04
C GLU A 154 5.31 -7.41 -10.90
N LEU A 155 4.94 -8.36 -10.02
CA LEU A 155 4.11 -8.06 -8.86
C LEU A 155 4.78 -7.04 -7.95
N ALA A 156 6.09 -7.18 -7.73
CA ALA A 156 6.72 -6.24 -6.82
C ALA A 156 6.86 -4.88 -7.48
N LEU A 157 7.02 -4.83 -8.81
CA LEU A 157 7.04 -3.57 -9.55
C LEU A 157 5.67 -2.89 -9.46
N MET A 158 4.61 -3.67 -9.61
CA MET A 158 3.25 -3.11 -9.55
CA MET A 158 3.26 -3.10 -9.55
C MET A 158 2.99 -2.48 -8.18
N TYR A 159 3.39 -3.14 -7.10
CA TYR A 159 3.02 -2.77 -5.76
C TYR A 159 4.14 -2.11 -4.96
N ASN A 160 5.24 -1.70 -5.59
CA ASN A 160 6.24 -0.85 -4.93
C ASN A 160 6.75 -1.52 -3.66
N ASP A 161 6.92 -2.85 -3.74
CA ASP A 161 7.55 -3.67 -2.69
C ASP A 161 6.77 -3.70 -1.39
N SER A 162 5.52 -3.26 -1.38
CA SER A 162 4.79 -3.04 -0.13
C SER A 162 3.59 -3.97 -0.09
N SER A 163 3.60 -4.92 0.88
CA SER A 163 2.54 -5.96 0.98
C SER A 163 2.17 -6.45 -0.42
N VAL A 164 3.20 -6.91 -1.15
CA VAL A 164 3.05 -7.21 -2.57
C VAL A 164 1.97 -8.26 -2.78
N LEU A 165 2.14 -9.43 -2.11
CA LEU A 165 1.18 -10.52 -2.31
C LEU A 165 -0.21 -10.13 -1.82
N GLU A 166 -0.28 -9.51 -0.64
CA GLU A 166 -1.57 -9.26 -0.02
C GLU A 166 -2.37 -8.23 -0.82
N ASN A 167 -1.68 -7.21 -1.40
CA ASN A 167 -2.39 -6.30 -2.28
C ASN A 167 -2.93 -7.05 -3.50
N HIS A 168 -2.15 -8.01 -4.02
CA HIS A 168 -2.56 -8.79 -5.18
C HIS A 168 -3.75 -9.69 -4.84
N HIS A 169 -3.72 -10.38 -3.69
CA HIS A 169 -4.85 -11.24 -3.33
C HIS A 169 -6.13 -10.44 -3.30
N LEU A 170 -6.08 -9.24 -2.71
CA LEU A 170 -7.26 -8.40 -2.68
C LEU A 170 -7.72 -8.01 -4.07
N ALA A 171 -6.80 -7.54 -4.93
CA ALA A 171 -7.22 -7.07 -6.23
C ALA A 171 -7.88 -8.21 -7.02
N VAL A 172 -7.31 -9.42 -6.93
CA VAL A 172 -7.91 -10.56 -7.63
C VAL A 172 -9.27 -10.91 -7.01
N GLY A 173 -9.34 -10.98 -5.67
CA GLY A 173 -10.60 -11.40 -5.05
C GLY A 173 -11.74 -10.46 -5.38
N PHE A 174 -11.45 -9.18 -5.42
CA PHE A 174 -12.48 -8.22 -5.78
C PHE A 174 -12.77 -8.21 -7.29
N LYS A 175 -11.73 -8.32 -8.16
CA LYS A 175 -11.93 -8.30 -9.60
C LYS A 175 -12.84 -9.45 -10.04
N LEU A 176 -12.76 -10.58 -9.32
CA LEU A 176 -13.54 -11.74 -9.74
C LEU A 176 -15.01 -11.55 -9.49
N LEU A 177 -15.38 -10.61 -8.60
CA LEU A 177 -16.81 -10.30 -8.40
C LEU A 177 -17.43 -9.72 -9.65
N GLN A 178 -16.64 -9.24 -10.59
CA GLN A 178 -17.14 -8.61 -11.79
C GLN A 178 -17.31 -9.58 -12.93
N GLU A 179 -16.88 -10.83 -12.75
CA GLU A 179 -17.12 -11.83 -13.78
C GLU A 179 -18.62 -12.23 -13.83
N GLU A 180 -19.01 -12.95 -14.90
CA GLU A 180 -20.45 -13.14 -15.11
C GLU A 180 -21.07 -13.96 -14.00
N ASN A 181 -22.15 -13.41 -13.47
CA ASN A 181 -22.92 -14.02 -12.41
C ASN A 181 -22.05 -14.33 -11.20
N CYS A 182 -21.10 -13.42 -10.89
CA CYS A 182 -20.24 -13.59 -9.74
C CYS A 182 -20.44 -12.53 -8.65
N ASP A 183 -21.32 -11.53 -8.85
CA ASP A 183 -21.36 -10.46 -7.86
C ASP A 183 -22.24 -10.86 -6.68
N ILE A 184 -21.60 -11.53 -5.71
CA ILE A 184 -22.34 -12.02 -4.55
C ILE A 184 -22.83 -10.88 -3.69
N PHE A 185 -22.30 -9.67 -3.87
CA PHE A 185 -22.75 -8.51 -3.08
C PHE A 185 -23.74 -7.63 -3.84
N GLN A 186 -24.36 -8.15 -4.89
CA GLN A 186 -25.22 -7.34 -5.76
C GLN A 186 -26.39 -6.69 -5.01
N ASN A 187 -26.84 -7.28 -3.90
CA ASN A 187 -28.03 -6.76 -3.22
C ASN A 187 -27.67 -6.03 -1.93
N LEU A 188 -26.37 -5.79 -1.67
CA LEU A 188 -26.00 -4.91 -0.54
C LEU A 188 -26.26 -3.47 -0.93
N THR A 189 -26.55 -2.63 0.07
CA THR A 189 -26.63 -1.20 -0.21
C THR A 189 -25.25 -0.65 -0.55
N LYS A 190 -25.23 0.55 -1.12
CA LYS A 190 -23.95 1.17 -1.44
C LYS A 190 -23.11 1.38 -0.20
N LYS A 191 -23.73 1.82 0.91
CA LYS A 191 -22.99 1.99 2.15
C LYS A 191 -22.47 0.65 2.64
N GLN A 192 -23.30 -0.42 2.52
CA GLN A 192 -22.80 -1.74 2.95
C GLN A 192 -21.62 -2.18 2.08
N ARG A 193 -21.68 -1.98 0.76
CA ARG A 193 -20.59 -2.41 -0.11
C ARG A 193 -19.33 -1.63 0.21
N GLN A 194 -19.47 -0.33 0.49
CA GLN A 194 -18.32 0.49 0.78
C GLN A 194 -17.66 0.06 2.10
N SER A 195 -18.50 -0.16 3.13
CA SER A 195 -17.98 -0.61 4.41
C SER A 195 -17.32 -1.98 4.30
N LEU A 196 -18.01 -2.92 3.66
CA LEU A 196 -17.44 -4.27 3.47
C LEU A 196 -16.08 -4.21 2.76
N ARG A 197 -15.99 -3.43 1.67
CA ARG A 197 -14.73 -3.35 0.93
C ARG A 197 -13.59 -2.84 1.83
N LYS A 198 -13.85 -1.77 2.62
CA LYS A 198 -12.81 -1.23 3.50
C LYS A 198 -12.40 -2.28 4.54
N MET A 199 -13.35 -3.00 5.13
CA MET A 199 -12.99 -3.96 6.18
C MET A 199 -12.21 -5.12 5.59
N VAL A 200 -12.62 -5.58 4.38
CA VAL A 200 -11.90 -6.70 3.76
C VAL A 200 -10.45 -6.31 3.44
N ILE A 201 -10.24 -5.10 2.90
CA ILE A 201 -8.90 -4.62 2.65
C ILE A 201 -8.09 -4.55 3.95
N ASP A 202 -8.68 -4.00 5.01
CA ASP A 202 -7.95 -3.88 6.27
C ASP A 202 -7.57 -5.26 6.81
N ILE A 203 -8.46 -6.25 6.66
CA ILE A 203 -8.17 -7.58 7.17
C ILE A 203 -7.08 -8.26 6.34
N VAL A 204 -7.22 -8.29 5.00
CA VAL A 204 -6.25 -9.06 4.25
C VAL A 204 -4.86 -8.41 4.33
N LEU A 205 -4.79 -7.06 4.32
CA LEU A 205 -3.46 -6.45 4.44
C LEU A 205 -2.78 -6.82 5.76
N ALA A 206 -3.54 -7.07 6.83
CA ALA A 206 -3.00 -7.49 8.12
C ALA A 206 -2.48 -8.93 8.10
N THR A 207 -2.70 -9.71 7.01
CA THR A 207 -2.16 -11.07 6.96
C THR A 207 -0.73 -11.08 6.43
N ASP A 208 -0.18 -9.91 6.04
CA ASP A 208 1.23 -9.80 5.65
C ASP A 208 2.09 -10.11 6.89
N MET A 209 2.92 -11.21 6.79
CA MET A 209 3.68 -11.59 7.97
C MET A 209 4.65 -10.53 8.46
N SER A 210 5.05 -9.55 7.61
CA SER A 210 5.93 -8.50 8.07
C SER A 210 5.22 -7.55 9.04
N LYS A 211 3.88 -7.62 9.14
CA LYS A 211 3.09 -6.84 10.08
C LYS A 211 2.81 -7.56 11.39
N HIS A 212 3.26 -8.80 11.53
CA HIS A 212 2.86 -9.62 12.67
C HIS A 212 3.29 -8.99 13.99
N MET A 213 4.55 -8.53 14.09
CA MET A 213 5.01 -8.03 15.37
C MET A 213 4.21 -6.84 15.83
N ASN A 214 3.89 -5.93 14.92
CA ASN A 214 3.12 -4.76 15.31
C ASN A 214 1.68 -5.14 15.63
N LEU A 215 1.13 -6.06 14.86
CA LEU A 215 -0.23 -6.50 15.11
C LEU A 215 -0.34 -7.16 16.49
N LEU A 216 0.63 -8.01 16.83
CA LEU A 216 0.62 -8.65 18.15
C LEU A 216 0.82 -7.63 19.26
N ALA A 217 1.76 -6.70 19.07
CA ALA A 217 1.98 -5.68 20.08
C ALA A 217 0.69 -4.96 20.39
N ASP A 218 -0.07 -4.63 19.34
CA ASP A 218 -1.33 -3.92 19.50
C ASP A 218 -2.39 -4.79 20.18
N LEU A 219 -2.46 -6.08 19.80
CA LEU A 219 -3.40 -6.98 20.47
C LEU A 219 -3.09 -7.09 21.97
N LYS A 220 -1.80 -7.21 22.33
CA LYS A 220 -1.44 -7.27 23.75
C LYS A 220 -1.93 -6.03 24.48
N THR A 221 -1.77 -4.86 23.88
CA THR A 221 -2.28 -3.63 24.49
C THR A 221 -3.79 -3.70 24.69
N MET A 222 -4.54 -4.20 23.69
CA MET A 222 -5.97 -4.39 23.88
C MET A 222 -6.30 -5.37 25.02
N VAL A 223 -5.61 -6.51 25.10
CA VAL A 223 -5.87 -7.44 26.20
C VAL A 223 -5.64 -6.76 27.56
N GLU A 224 -4.55 -6.02 27.69
CA GLU A 224 -4.21 -5.37 28.94
C GLU A 224 -5.23 -4.31 29.36
N THR A 225 -6.00 -3.79 28.39
CA THR A 225 -6.96 -2.72 28.67
C THR A 225 -8.38 -3.18 28.36
N LYS A 226 -8.61 -4.50 28.34
CA LYS A 226 -9.85 -5.09 27.90
C LYS A 226 -11.04 -4.57 28.70
N LYS A 227 -12.17 -4.35 28.03
CA LYS A 227 -13.42 -4.04 28.72
C LYS A 227 -14.45 -5.08 28.30
N VAL A 228 -15.26 -5.52 29.26
CA VAL A 228 -16.24 -6.56 29.01
C VAL A 228 -17.58 -6.01 29.44
N THR A 229 -18.64 -6.44 28.75
CA THR A 229 -19.97 -5.91 29.03
C THR A 229 -20.65 -6.62 30.19
N SER A 230 -21.82 -6.07 30.56
CA SER A 230 -22.83 -6.66 31.44
C SER A 230 -22.96 -8.16 31.17
N SER A 231 -23.03 -8.53 29.88
CA SER A 231 -23.16 -9.91 29.42
C SER A 231 -21.85 -10.70 29.44
N GLY A 232 -20.69 -10.08 29.73
CA GLY A 232 -19.44 -10.82 29.75
C GLY A 232 -18.71 -10.88 28.42
N VAL A 233 -19.24 -10.26 27.37
CA VAL A 233 -18.57 -10.29 26.07
C VAL A 233 -17.68 -9.05 25.94
N LEU A 234 -16.74 -9.16 25.00
CA LEU A 234 -15.83 -8.05 24.73
C LEU A 234 -16.63 -6.81 24.34
N LEU A 235 -16.26 -5.66 24.90
CA LEU A 235 -16.83 -4.39 24.49
C LEU A 235 -15.93 -3.75 23.43
N LEU A 236 -16.46 -3.55 22.21
CA LEU A 236 -15.72 -2.95 21.08
C LEU A 236 -16.54 -1.83 20.47
N ASP A 237 -16.22 -0.58 20.81
CA ASP A 237 -17.17 0.49 20.54
C ASP A 237 -16.64 1.53 19.56
N ASN A 238 -15.68 1.16 18.73
CA ASN A 238 -15.22 2.06 17.69
C ASN A 238 -14.63 1.20 16.60
N TYR A 239 -14.46 1.79 15.42
CA TYR A 239 -14.02 0.97 14.29
C TYR A 239 -12.63 0.41 14.53
N SER A 240 -11.74 1.23 15.06
CA SER A 240 -10.36 0.80 15.28
C SER A 240 -10.28 -0.48 16.11
N ASP A 241 -11.03 -0.54 17.22
CA ASP A 241 -11.00 -1.75 18.04
C ASP A 241 -11.69 -2.93 17.32
N ARG A 242 -12.80 -2.67 16.63
CA ARG A 242 -13.51 -3.77 16.00
C ARG A 242 -12.65 -4.37 14.89
N ILE A 243 -12.04 -3.53 14.07
CA ILE A 243 -11.28 -4.06 12.92
C ILE A 243 -10.00 -4.71 13.43
N GLN A 244 -9.44 -4.20 14.55
CA GLN A 244 -8.27 -4.84 15.09
C GLN A 244 -8.56 -6.27 15.53
N VAL A 245 -9.69 -6.49 16.19
CA VAL A 245 -10.04 -7.85 16.57
C VAL A 245 -10.24 -8.73 15.33
N LEU A 246 -10.93 -8.23 14.30
CA LEU A 246 -11.09 -9.07 13.10
C LEU A 246 -9.74 -9.33 12.42
N GLN A 247 -8.86 -8.33 12.41
CA GLN A 247 -7.53 -8.56 11.79
C GLN A 247 -6.80 -9.65 12.52
N ASN A 248 -6.82 -9.60 13.86
CA ASN A 248 -6.07 -10.60 14.60
C ASN A 248 -6.76 -11.94 14.54
N MET A 249 -8.09 -11.96 14.43
CA MET A 249 -8.81 -13.23 14.29
C MET A 249 -8.37 -13.96 13.03
N VAL A 250 -8.38 -13.26 11.90
CA VAL A 250 -8.01 -13.92 10.65
C VAL A 250 -6.52 -14.24 10.61
N HIS A 251 -5.66 -13.40 11.22
CA HIS A 251 -4.24 -13.75 11.33
C HIS A 251 -4.06 -15.01 12.19
N CYS A 252 -4.82 -15.13 13.29
CA CYS A 252 -4.74 -16.37 14.07
C CYS A 252 -5.19 -17.56 13.26
N ALA A 253 -6.29 -17.42 12.51
CA ALA A 253 -6.75 -18.51 11.62
C ALA A 253 -5.66 -18.88 10.60
N ASP A 254 -4.99 -17.88 10.05
CA ASP A 254 -3.94 -18.12 9.06
C ASP A 254 -2.77 -18.85 9.68
N LEU A 255 -2.46 -18.57 10.96
CA LEU A 255 -1.38 -19.20 11.73
C LEU A 255 -1.94 -20.25 12.69
N SER A 256 -2.94 -21.01 12.26
CA SER A 256 -3.58 -21.98 13.15
C SER A 256 -3.06 -23.39 12.96
N ASN A 257 -2.20 -23.67 11.98
CA ASN A 257 -1.87 -25.09 11.72
C ASN A 257 -1.32 -25.79 12.95
N PRO A 258 -0.44 -25.18 13.76
CA PRO A 258 0.13 -25.90 14.90
C PRO A 258 -0.84 -26.11 16.02
N THR A 259 -2.02 -25.50 15.96
CA THR A 259 -3.04 -25.64 16.99
C THR A 259 -4.03 -26.73 16.66
N LYS A 260 -3.88 -27.37 15.49
CA LYS A 260 -4.81 -28.40 15.05
C LYS A 260 -4.34 -29.74 15.54
N PRO A 261 -5.24 -30.74 15.57
CA PRO A 261 -4.80 -32.10 15.83
C PRO A 261 -3.58 -32.48 14.98
N LEU A 262 -2.71 -33.29 15.61
CA LEU A 262 -1.37 -33.51 15.06
C LEU A 262 -1.40 -34.09 13.65
N GLN A 263 -2.38 -34.95 13.32
CA GLN A 263 -2.35 -35.51 11.98
C GLN A 263 -2.62 -34.45 10.92
N LEU A 264 -3.36 -33.41 11.26
CA LEU A 264 -3.54 -32.25 10.36
C LEU A 264 -2.30 -31.38 10.33
N TYR A 265 -1.80 -31.05 11.52
CA TYR A 265 -0.62 -30.20 11.62
C TYR A 265 0.54 -30.80 10.80
N ARG A 266 0.84 -32.09 10.95
CA ARG A 266 1.99 -32.65 10.22
C ARG A 266 1.78 -32.55 8.71
N GLN A 267 0.54 -32.65 8.23
CA GLN A 267 0.37 -32.53 6.79
CA GLN A 267 0.33 -32.51 6.78
C GLN A 267 0.64 -31.09 6.35
N TRP A 268 0.19 -30.10 7.14
CA TRP A 268 0.51 -28.73 6.81
C TRP A 268 2.02 -28.49 6.84
N THR A 269 2.74 -29.10 7.79
CA THR A 269 4.19 -28.92 7.82
C THR A 269 4.85 -29.52 6.60
N ASP A 270 4.37 -30.71 6.18
CA ASP A 270 4.91 -31.33 4.98
C ASP A 270 4.73 -30.38 3.79
N ARG A 271 3.56 -29.75 3.71
CA ARG A 271 3.26 -28.89 2.56
C ARG A 271 4.09 -27.61 2.58
N ILE A 272 4.18 -26.93 3.73
CA ILE A 272 4.92 -25.68 3.74
C ILE A 272 6.38 -25.97 3.41
N MET A 273 6.93 -27.09 3.92
CA MET A 273 8.33 -27.39 3.67
C MET A 273 8.56 -27.65 2.17
N GLU A 274 7.62 -28.30 1.51
CA GLU A 274 7.78 -28.50 0.08
C GLU A 274 7.79 -27.16 -0.64
N GLU A 275 6.89 -26.26 -0.27
CA GLU A 275 6.86 -24.96 -0.93
C GLU A 275 8.14 -24.19 -0.66
N PHE A 276 8.63 -24.23 0.60
CA PHE A 276 9.87 -23.53 0.96
C PHE A 276 11.05 -24.11 0.21
N PHE A 277 11.13 -25.44 0.14
CA PHE A 277 12.25 -26.06 -0.56
C PHE A 277 12.27 -25.69 -2.04
N ARG A 278 11.09 -25.63 -2.67
CA ARG A 278 11.08 -25.21 -4.07
C ARG A 278 11.53 -23.77 -4.22
N GLN A 279 11.15 -22.89 -3.27
CA GLN A 279 11.65 -21.52 -3.35
C GLN A 279 13.16 -21.49 -3.19
N GLY A 280 13.69 -22.28 -2.26
CA GLY A 280 15.10 -22.29 -2.01
C GLY A 280 15.88 -22.82 -3.20
N ASP A 281 15.29 -23.77 -3.92
CA ASP A 281 15.96 -24.26 -5.12
C ASP A 281 16.08 -23.16 -6.15
N ARG A 282 15.04 -22.32 -6.29
CA ARG A 282 15.11 -21.18 -7.19
C ARG A 282 16.14 -20.15 -6.73
N GLU A 283 16.24 -19.90 -5.42
CA GLU A 283 17.25 -19.00 -4.91
C GLU A 283 18.65 -19.54 -5.17
N ARG A 284 18.85 -20.83 -4.93
CA ARG A 284 20.19 -21.41 -5.08
C ARG A 284 20.61 -21.35 -6.53
N GLU A 285 19.68 -21.63 -7.44
CA GLU A 285 20.01 -21.60 -8.88
C GLU A 285 20.39 -20.19 -9.33
N ARG A 286 19.70 -19.19 -8.81
CA ARG A 286 19.97 -17.79 -9.13
C ARG A 286 21.19 -17.24 -8.39
N GLY A 287 21.87 -18.05 -7.59
CA GLY A 287 22.97 -17.52 -6.83
C GLY A 287 22.56 -16.58 -5.72
N MET A 288 21.31 -16.64 -5.27
CA MET A 288 20.91 -15.82 -4.15
C MET A 288 21.15 -16.55 -2.83
N GLU A 289 21.27 -15.78 -1.76
CA GLU A 289 21.25 -16.39 -0.43
C GLU A 289 19.89 -17.05 -0.23
N ILE A 290 19.89 -18.27 0.27
CA ILE A 290 18.66 -19.02 0.47
C ILE A 290 17.95 -18.52 1.73
N SER A 291 16.64 -18.35 1.62
CA SER A 291 15.84 -17.84 2.73
C SER A 291 15.84 -18.81 3.90
N PRO A 292 15.59 -18.33 5.13
CA PRO A 292 15.49 -19.26 6.27
C PRO A 292 14.49 -20.39 6.00
N MET A 293 14.88 -21.61 6.35
CA MET A 293 14.04 -22.83 6.23
C MET A 293 13.86 -23.30 4.81
N CYS A 294 14.53 -22.70 3.84
CA CYS A 294 14.25 -23.02 2.45
C CYS A 294 15.34 -23.89 1.84
N ASP A 295 16.38 -24.26 2.60
CA ASP A 295 17.53 -25.01 2.07
C ASP A 295 17.33 -26.48 2.42
N LYS A 296 16.93 -27.27 1.43
CA LYS A 296 16.64 -28.68 1.70
C LYS A 296 17.90 -29.46 2.06
N HIS A 297 19.08 -28.91 1.76
CA HIS A 297 20.31 -29.61 2.11
C HIS A 297 20.80 -29.29 3.52
N ASN A 298 20.19 -28.30 4.17
CA ASN A 298 20.54 -27.88 5.53
C ASN A 298 19.28 -27.45 6.28
N ALA A 299 18.25 -28.29 6.23
CA ALA A 299 16.99 -28.05 6.91
C ALA A 299 16.91 -28.81 8.22
N SER A 300 16.27 -28.21 9.21
CA SER A 300 15.89 -28.93 10.42
C SER A 300 14.40 -28.70 10.56
N VAL A 301 13.58 -29.58 9.98
CA VAL A 301 12.13 -29.35 9.96
C VAL A 301 11.57 -29.26 11.39
N GLU A 302 12.01 -30.13 12.27
CA GLU A 302 11.45 -30.17 13.62
C GLU A 302 11.88 -28.95 14.43
N LYS A 303 13.16 -28.57 14.36
CA LYS A 303 13.60 -27.39 15.09
C LYS A 303 12.89 -26.16 14.58
N SER A 304 12.65 -26.11 13.28
CA SER A 304 11.92 -24.99 12.69
C SER A 304 10.50 -24.88 13.19
N GLN A 305 9.81 -26.01 13.38
CA GLN A 305 8.47 -25.90 13.92
C GLN A 305 8.50 -25.48 15.38
N VAL A 306 9.45 -25.99 16.16
CA VAL A 306 9.54 -25.57 17.55
C VAL A 306 9.83 -24.08 17.62
N GLY A 307 10.72 -23.58 16.77
CA GLY A 307 10.96 -22.14 16.78
C GLY A 307 9.76 -21.33 16.33
N PHE A 308 9.07 -21.80 15.29
CA PHE A 308 7.87 -21.15 14.77
C PHE A 308 6.85 -21.02 15.89
N ILE A 309 6.63 -22.10 16.63
CA ILE A 309 5.67 -22.05 17.73
C ILE A 309 6.17 -21.11 18.83
N ASP A 310 7.42 -21.27 19.23
CA ASP A 310 7.89 -20.52 20.41
C ASP A 310 7.92 -19.03 20.16
N TYR A 311 8.31 -18.60 18.94
CA TYR A 311 8.51 -17.19 18.71
C TYR A 311 7.34 -16.49 18.02
N ILE A 312 6.45 -17.24 17.35
CA ILE A 312 5.38 -16.62 16.57
C ILE A 312 4.05 -17.14 17.04
N VAL A 313 3.82 -18.47 16.88
CA VAL A 313 2.46 -18.99 16.99
C VAL A 313 1.95 -18.99 18.43
N HIS A 314 2.78 -19.40 19.39
CA HIS A 314 2.31 -19.40 20.77
C HIS A 314 2.18 -17.98 21.34
N PRO A 315 3.10 -17.06 21.09
CA PRO A 315 2.85 -15.67 21.56
C PRO A 315 1.54 -15.12 21.04
N LEU A 316 1.23 -15.39 19.75
CA LEU A 316 -0.04 -14.91 19.17
C LEU A 316 -1.24 -15.59 19.84
N TRP A 317 -1.23 -16.94 19.88
CA TRP A 317 -2.41 -17.64 20.37
C TRP A 317 -2.61 -17.49 21.88
N GLU A 318 -1.51 -17.34 22.66
CA GLU A 318 -1.65 -17.08 24.09
C GLU A 318 -2.34 -15.75 24.32
N THR A 319 -2.05 -14.77 23.46
CA THR A 319 -2.67 -13.45 23.56
C THR A 319 -4.13 -13.53 23.14
N TRP A 320 -4.42 -14.19 22.02
CA TRP A 320 -5.82 -14.37 21.64
C TRP A 320 -6.58 -15.10 22.72
N ALA A 321 -5.96 -16.15 23.28
CA ALA A 321 -6.66 -16.89 24.34
C ALA A 321 -6.95 -15.99 25.53
N ASP A 322 -6.04 -15.08 25.85
CA ASP A 322 -6.29 -14.12 26.92
C ASP A 322 -7.45 -13.19 26.59
N LEU A 323 -7.51 -12.70 25.34
CA LEU A 323 -8.61 -11.84 24.91
C LEU A 323 -9.97 -12.50 25.12
N VAL A 324 -10.07 -13.80 24.84
CA VAL A 324 -11.37 -14.49 24.87
C VAL A 324 -11.48 -15.48 26.02
N HIS A 325 -10.64 -15.35 27.04
CA HIS A 325 -10.51 -16.35 28.09
C HIS A 325 -11.87 -16.69 28.69
N PRO A 326 -12.16 -17.99 28.92
CA PRO A 326 -11.26 -19.13 28.70
C PRO A 326 -11.59 -19.91 27.43
N ASP A 327 -12.27 -19.25 26.50
CA ASP A 327 -12.85 -19.92 25.34
C ASP A 327 -11.85 -20.77 24.55
N ALA A 328 -10.62 -20.28 24.41
CA ALA A 328 -9.65 -20.91 23.53
C ALA A 328 -8.70 -21.82 24.28
N GLN A 329 -9.05 -22.22 25.51
CA GLN A 329 -8.09 -23.00 26.28
C GLN A 329 -7.75 -24.34 25.63
N ASP A 330 -8.73 -25.02 25.03
CA ASP A 330 -8.42 -26.31 24.42
C ASP A 330 -7.51 -26.14 23.22
N ILE A 331 -7.72 -25.06 22.46
CA ILE A 331 -6.86 -24.80 21.30
C ILE A 331 -5.42 -24.59 21.78
N LEU A 332 -5.28 -23.77 22.80
CA LEU A 332 -3.95 -23.50 23.34
C LEU A 332 -3.34 -24.80 23.87
N ASP A 333 -4.12 -25.62 24.55
CA ASP A 333 -3.60 -26.89 25.04
C ASP A 333 -3.08 -27.76 23.90
N THR A 334 -3.79 -27.79 22.77
CA THR A 334 -3.31 -28.59 21.65
C THR A 334 -2.02 -28.04 21.10
N LEU A 335 -1.94 -26.72 20.96
CA LEU A 335 -0.70 -26.11 20.48
C LEU A 335 0.47 -26.51 21.39
N GLU A 336 0.26 -26.45 22.70
CA GLU A 336 1.35 -26.77 23.61
C GLU A 336 1.72 -28.24 23.52
N ASP A 337 0.73 -29.13 23.38
CA ASP A 337 1.05 -30.54 23.19
C ASP A 337 1.84 -30.78 21.91
N ASN A 338 1.46 -30.08 20.82
CA ASN A 338 2.13 -30.29 19.54
C ASN A 338 3.56 -29.77 19.60
N ARG A 339 3.76 -28.66 20.32
CA ARG A 339 5.13 -28.18 20.52
C ARG A 339 5.96 -29.22 21.24
N GLU A 340 5.42 -29.79 22.33
CA GLU A 340 6.13 -30.84 23.05
C GLU A 340 6.42 -32.03 22.17
N TRP A 341 5.46 -32.41 21.30
CA TRP A 341 5.70 -33.54 20.41
C TRP A 341 6.83 -33.24 19.42
N TYR A 342 6.79 -32.10 18.73
CA TYR A 342 7.91 -31.78 17.82
C TYR A 342 9.24 -31.69 18.56
N GLN A 343 9.25 -31.08 19.76
CA GLN A 343 10.49 -30.98 20.54
C GLN A 343 11.04 -32.36 20.81
N SER A 344 10.16 -33.32 21.09
CA SER A 344 10.60 -34.65 21.49
C SER A 344 11.23 -35.41 20.33
N THR A 345 10.99 -35.00 19.10
CA THR A 345 11.61 -35.64 17.96
C THR A 345 13.02 -35.12 17.69
N ILE A 346 13.42 -34.05 18.36
CA ILE A 346 14.73 -33.51 18.05
C ILE A 346 15.86 -34.36 18.67
N PRO A 347 15.93 -34.59 20.03
CA PRO A 347 17.15 -35.23 20.61
C PRO A 347 17.61 -36.55 19.99
N GLU B 25 16.66 27.86 -29.55
CA GLU B 25 17.80 27.70 -28.65
C GLU B 25 18.29 29.09 -28.23
N ASP B 26 19.53 29.15 -27.73
CA ASP B 26 20.16 30.37 -27.19
C ASP B 26 19.31 31.12 -26.18
N VAL B 27 18.07 31.48 -26.52
CA VAL B 27 17.17 32.00 -25.50
C VAL B 27 16.90 30.89 -24.49
N LEU B 28 16.74 29.65 -24.94
CA LEU B 28 16.51 28.54 -24.02
C LEU B 28 17.70 28.35 -23.08
N ALA B 29 18.93 28.44 -23.63
CA ALA B 29 20.12 28.40 -22.78
C ALA B 29 20.13 29.55 -21.79
N LYS B 30 19.72 30.74 -22.22
CA LYS B 30 19.67 31.86 -21.29
C LYS B 30 18.67 31.60 -20.16
N GLU B 31 17.50 31.03 -20.49
CA GLU B 31 16.49 30.74 -19.46
C GLU B 31 17.00 29.71 -18.46
N LEU B 32 17.74 28.71 -18.95
CA LEU B 32 18.24 27.63 -18.12
C LEU B 32 19.35 28.08 -17.17
N GLU B 33 19.96 29.25 -17.39
CA GLU B 33 20.94 29.75 -16.44
C GLU B 33 20.32 30.11 -15.09
N ASP B 34 18.98 30.16 -14.99
CA ASP B 34 18.31 30.45 -13.73
C ASP B 34 17.85 29.18 -13.04
N VAL B 35 18.41 28.04 -13.45
CA VAL B 35 18.00 26.75 -12.92
C VAL B 35 18.17 26.69 -11.41
N ASN B 36 19.08 27.48 -10.86
CA ASN B 36 19.30 27.46 -9.42
C ASN B 36 18.47 28.49 -8.69
N LYS B 37 17.55 29.17 -9.38
CA LYS B 37 16.75 30.25 -8.81
C LYS B 37 15.28 29.86 -8.70
N TRP B 38 14.71 30.16 -7.54
CA TRP B 38 13.26 30.17 -7.39
C TRP B 38 12.64 31.13 -8.40
N GLY B 39 11.70 30.65 -9.19
CA GLY B 39 11.07 31.51 -10.18
C GLY B 39 11.56 31.35 -11.61
N LEU B 40 12.29 30.28 -11.91
CA LEU B 40 12.57 29.89 -13.27
C LEU B 40 11.34 30.06 -14.15
N HIS B 41 11.57 30.53 -15.38
CA HIS B 41 10.48 30.76 -16.35
C HIS B 41 10.14 29.43 -17.02
N VAL B 42 9.45 28.57 -16.26
CA VAL B 42 9.27 27.19 -16.69
C VAL B 42 8.29 27.11 -17.85
N PHE B 43 7.34 28.03 -17.94
CA PHE B 43 6.43 27.98 -19.08
C PHE B 43 7.14 28.40 -20.36
N ARG B 44 7.97 29.43 -20.27
CA ARG B 44 8.82 29.83 -21.40
C ARG B 44 9.74 28.69 -21.82
N ILE B 45 10.35 28.00 -20.86
CA ILE B 45 11.20 26.86 -21.17
C ILE B 45 10.40 25.76 -21.86
N ALA B 46 9.18 25.49 -21.37
CA ALA B 46 8.32 24.52 -22.03
C ALA B 46 8.13 24.86 -23.50
N GLU B 47 7.85 26.13 -23.79
CA GLU B 47 7.63 26.57 -25.17
C GLU B 47 8.92 26.47 -26.00
N LEU B 48 10.02 27.01 -25.49
CA LEU B 48 11.27 27.06 -26.25
C LEU B 48 11.85 25.67 -26.51
N SER B 49 11.59 24.70 -25.64
CA SER B 49 12.13 23.36 -25.80
C SER B 49 11.23 22.45 -26.63
N GLY B 50 10.19 22.96 -27.27
CA GLY B 50 9.29 22.08 -27.98
C GLY B 50 8.49 21.15 -27.08
N ASN B 51 8.04 21.67 -25.93
CA ASN B 51 7.27 20.94 -24.93
C ASN B 51 8.09 19.81 -24.31
N ARG B 52 9.36 20.07 -24.09
CA ARG B 52 10.22 19.13 -23.37
C ARG B 52 10.83 19.76 -22.13
N PRO B 53 10.05 20.47 -21.28
CA PRO B 53 10.69 21.07 -20.10
C PRO B 53 11.26 20.01 -19.17
N LEU B 54 10.57 18.87 -18.97
CA LEU B 54 11.07 17.87 -18.02
C LEU B 54 12.44 17.35 -18.47
N THR B 55 12.60 17.05 -19.76
CA THR B 55 13.88 16.56 -20.27
C THR B 55 15.00 17.60 -20.14
N VAL B 56 14.75 18.84 -20.61
CA VAL B 56 15.87 19.79 -20.61
C VAL B 56 16.18 20.29 -19.20
N ILE B 57 15.17 20.37 -18.31
CA ILE B 57 15.48 20.82 -16.97
C ILE B 57 16.16 19.71 -16.17
N MET B 58 15.70 18.45 -16.32
CA MET B 58 16.38 17.36 -15.63
C MET B 58 17.82 17.22 -16.11
N HIS B 59 18.02 17.27 -17.43
CA HIS B 59 19.39 17.19 -17.96
C HIS B 59 20.25 18.30 -17.39
N THR B 60 19.72 19.53 -17.34
CA THR B 60 20.51 20.66 -16.82
C THR B 60 20.89 20.44 -15.35
N ILE B 61 19.96 19.94 -14.56
CA ILE B 61 20.21 19.75 -13.13
C ILE B 61 21.20 18.61 -12.88
N PHE B 62 21.13 17.55 -13.68
CA PHE B 62 22.07 16.45 -13.51
C PHE B 62 23.48 16.93 -13.83
N GLN B 63 23.60 17.92 -14.70
CA GLN B 63 24.91 18.50 -14.97
C GLN B 63 25.37 19.42 -13.84
N GLU B 64 24.52 20.35 -13.42
CA GLU B 64 24.85 21.26 -12.33
C GLU B 64 25.29 20.51 -11.07
N ARG B 65 24.74 19.31 -10.85
CA ARG B 65 25.06 18.53 -9.67
C ARG B 65 26.08 17.43 -9.96
N ASP B 66 26.60 17.34 -11.19
CA ASP B 66 27.62 16.36 -11.55
C ASP B 66 27.13 14.93 -11.35
N LEU B 67 25.83 14.72 -11.51
CA LEU B 67 25.26 13.43 -11.17
C LEU B 67 25.58 12.38 -12.21
N LEU B 68 25.78 12.78 -13.47
CA LEU B 68 26.09 11.80 -14.51
C LEU B 68 27.47 11.19 -14.27
N LYS B 69 28.42 12.00 -13.84
CA LYS B 69 29.74 11.44 -13.54
C LYS B 69 29.74 10.71 -12.21
N THR B 70 29.07 11.27 -11.20
CA THR B 70 29.06 10.62 -9.89
C THR B 70 28.46 9.22 -9.97
N PHE B 71 27.35 9.05 -10.71
CA PHE B 71 26.69 7.75 -10.80
C PHE B 71 26.92 7.05 -12.14
N LYS B 72 27.87 7.52 -12.94
CA LYS B 72 28.24 6.88 -14.21
C LYS B 72 27.01 6.61 -15.08
N ILE B 73 26.25 7.66 -15.33
CA ILE B 73 25.03 7.58 -16.13
C ILE B 73 25.38 8.01 -17.56
N PRO B 74 25.25 7.13 -18.55
CA PRO B 74 25.47 7.53 -19.95
C PRO B 74 24.46 8.58 -20.39
N VAL B 75 24.98 9.67 -20.96
CA VAL B 75 24.11 10.82 -21.28
C VAL B 75 22.97 10.41 -22.21
N ASP B 76 23.23 9.49 -23.14
CA ASP B 76 22.17 9.10 -24.06
C ASP B 76 21.10 8.26 -23.38
N THR B 77 21.51 7.44 -22.42
CA THR B 77 20.53 6.70 -21.62
C THR B 77 19.68 7.68 -20.82
N LEU B 78 20.33 8.67 -20.21
CA LEU B 78 19.58 9.69 -19.49
C LEU B 78 18.55 10.34 -20.38
N ILE B 79 18.95 10.71 -21.61
CA ILE B 79 18.02 11.47 -22.44
C ILE B 79 16.87 10.59 -22.90
N THR B 80 17.20 9.34 -23.25
CA THR B 80 16.19 8.38 -23.72
C THR B 80 15.16 8.14 -22.62
N TYR B 81 15.62 7.97 -21.40
CA TYR B 81 14.69 7.75 -20.30
C TYR B 81 13.84 8.98 -20.07
N LEU B 82 14.48 10.15 -20.03
CA LEU B 82 13.73 11.37 -19.78
C LEU B 82 12.65 11.61 -20.84
N MET B 83 12.98 11.41 -22.13
CA MET B 83 11.97 11.63 -23.17
C MET B 83 10.82 10.67 -23.04
N THR B 84 11.13 9.41 -22.70
CA THR B 84 10.10 8.38 -22.50
C THR B 84 9.21 8.71 -21.29
N LEU B 85 9.83 9.09 -20.18
CA LEU B 85 9.07 9.52 -18.99
C LEU B 85 8.18 10.71 -19.32
N GLU B 86 8.73 11.74 -19.98
CA GLU B 86 7.98 12.92 -20.33
C GLU B 86 6.80 12.58 -21.26
N ASP B 87 7.02 11.64 -22.19
CA ASP B 87 5.92 11.17 -23.03
C ASP B 87 4.77 10.54 -22.23
N HIS B 88 5.02 10.04 -21.01
CA HIS B 88 3.95 9.42 -20.25
C HIS B 88 3.24 10.38 -19.30
N TYR B 89 3.60 11.67 -19.32
CA TYR B 89 2.72 12.71 -18.81
C TYR B 89 1.76 13.08 -19.93
N HIS B 90 0.50 13.29 -19.55
CA HIS B 90 -0.55 13.54 -20.53
C HIS B 90 -0.53 15.00 -21.00
N ALA B 91 -0.46 15.19 -22.31
CA ALA B 91 -0.46 16.56 -22.78
C ALA B 91 -1.83 17.22 -22.76
N ASP B 92 -2.92 16.48 -22.57
CA ASP B 92 -4.25 17.07 -22.50
C ASP B 92 -4.75 17.24 -21.07
N VAL B 93 -3.87 17.17 -20.07
CA VAL B 93 -4.22 17.42 -18.68
C VAL B 93 -3.65 18.79 -18.33
N ALA B 94 -4.50 19.71 -17.83
CA ALA B 94 -4.07 21.13 -17.77
C ALA B 94 -2.99 21.37 -16.72
N TYR B 95 -3.02 20.64 -15.59
CA TYR B 95 -2.10 20.91 -14.51
C TYR B 95 -1.09 19.78 -14.34
N HIS B 96 -1.57 18.56 -14.11
CA HIS B 96 -0.67 17.43 -13.78
C HIS B 96 -0.03 16.85 -15.04
N ASN B 97 0.82 17.67 -15.64
CA ASN B 97 1.50 17.29 -16.88
C ASN B 97 2.99 17.47 -16.73
N ASN B 98 3.74 17.38 -17.84
CA ASN B 98 5.20 17.45 -17.79
C ASN B 98 5.72 18.82 -17.30
N ILE B 99 4.95 19.91 -17.45
CA ILE B 99 5.43 21.20 -16.96
C ILE B 99 5.39 21.23 -15.44
N HIS B 100 4.34 20.64 -14.84
CA HIS B 100 4.30 20.50 -13.39
C HIS B 100 5.44 19.61 -12.92
N ALA B 101 5.68 18.48 -13.59
CA ALA B 101 6.81 17.64 -13.18
C ALA B 101 8.13 18.41 -13.22
N ALA B 102 8.37 19.16 -14.31
CA ALA B 102 9.61 19.92 -14.42
C ALA B 102 9.72 20.94 -13.31
N ASP B 103 8.61 21.61 -13.00
CA ASP B 103 8.58 22.61 -11.95
C ASP B 103 8.91 21.98 -10.59
N VAL B 104 8.33 20.81 -10.30
CA VAL B 104 8.62 20.20 -9.00
C VAL B 104 10.07 19.77 -8.93
N VAL B 105 10.59 19.19 -10.00
CA VAL B 105 12.02 18.83 -10.10
C VAL B 105 12.89 20.02 -9.77
N GLN B 106 12.61 21.14 -10.42
CA GLN B 106 13.51 22.28 -10.28
C GLN B 106 13.38 22.89 -8.90
N SER B 107 12.15 22.90 -8.36
CA SER B 107 11.91 23.39 -7.03
C SER B 107 12.63 22.54 -5.97
N THR B 108 12.55 21.21 -6.11
CA THR B 108 13.33 20.33 -5.22
C THR B 108 14.81 20.62 -5.33
N HIS B 109 15.29 20.78 -6.56
CA HIS B 109 16.70 21.09 -6.78
C HIS B 109 17.12 22.34 -5.99
N VAL B 110 16.28 23.38 -5.97
CA VAL B 110 16.64 24.58 -5.22
C VAL B 110 16.58 24.33 -3.72
N LEU B 111 15.56 23.63 -3.24
CA LEU B 111 15.41 23.39 -1.81
C LEU B 111 16.55 22.53 -1.29
N LEU B 112 17.06 21.61 -2.10
CA LEU B 112 18.18 20.77 -1.69
C LEU B 112 19.39 21.61 -1.34
N SER B 113 19.43 22.85 -1.85
CA SER B 113 20.55 23.75 -1.62
C SER B 113 20.33 24.77 -0.52
N THR B 114 19.28 24.61 0.28
CA THR B 114 19.07 25.45 1.45
C THR B 114 20.33 25.43 2.32
N PRO B 115 20.95 26.57 2.64
CA PRO B 115 22.17 26.49 3.48
C PRO B 115 21.97 25.69 4.75
N ALA B 116 20.79 25.76 5.38
CA ALA B 116 20.54 25.01 6.62
C ALA B 116 20.58 23.51 6.43
N LEU B 117 20.43 23.02 5.20
CA LEU B 117 20.47 21.59 4.92
C LEU B 117 21.82 21.19 4.36
N GLU B 118 22.80 22.05 4.52
CA GLU B 118 24.11 21.71 3.97
C GLU B 118 24.71 20.56 4.78
N ALA B 119 25.32 19.61 4.08
CA ALA B 119 25.94 18.42 4.65
C ALA B 119 24.94 17.40 5.19
N VAL B 120 23.66 17.54 4.88
CA VAL B 120 22.72 16.61 5.46
C VAL B 120 22.59 15.37 4.60
N PHE B 121 22.46 15.53 3.28
CA PHE B 121 22.02 14.46 2.39
C PHE B 121 23.16 13.95 1.51
N THR B 122 23.26 12.61 1.40
CA THR B 122 24.25 12.03 0.49
C THR B 122 23.87 12.26 -0.96
N ASP B 123 24.81 11.91 -1.86
CA ASP B 123 24.53 12.08 -3.28
C ASP B 123 23.45 11.10 -3.77
N LEU B 124 23.41 9.89 -3.20
CA LEU B 124 22.32 8.96 -3.52
C LEU B 124 20.97 9.50 -3.06
N GLU B 125 20.93 10.15 -1.87
CA GLU B 125 19.70 10.79 -1.40
C GLU B 125 19.28 11.94 -2.31
N ILE B 126 20.26 12.70 -2.79
CA ILE B 126 19.98 13.80 -3.72
C ILE B 126 19.41 13.25 -5.03
N LEU B 127 20.07 12.23 -5.58
CA LEU B 127 19.54 11.53 -6.74
C LEU B 127 18.12 11.04 -6.50
N ALA B 128 17.85 10.46 -5.32
CA ALA B 128 16.53 9.91 -5.07
C ALA B 128 15.46 11.00 -5.05
N ALA B 129 15.73 12.11 -4.36
CA ALA B 129 14.75 13.19 -4.30
C ALA B 129 14.48 13.78 -5.67
N ILE B 130 15.51 13.89 -6.51
CA ILE B 130 15.32 14.49 -7.83
C ILE B 130 14.57 13.56 -8.75
N PHE B 131 14.98 12.28 -8.75
CA PHE B 131 14.28 11.28 -9.55
C PHE B 131 12.84 11.15 -9.10
N ALA B 132 12.60 11.13 -7.78
CA ALA B 132 11.24 11.05 -7.27
C ALA B 132 10.41 12.21 -7.78
N SER B 133 10.98 13.41 -7.73
CA SER B 133 10.21 14.56 -8.22
C SER B 133 9.83 14.41 -9.68
N ALA B 134 10.74 13.88 -10.50
CA ALA B 134 10.49 13.80 -11.92
C ALA B 134 9.36 12.84 -12.25
N ILE B 135 9.30 11.71 -11.52
CA ILE B 135 8.28 10.71 -11.81
C ILE B 135 7.02 10.89 -10.97
N HIS B 136 6.97 11.86 -10.06
CA HIS B 136 5.98 11.78 -8.97
C HIS B 136 4.51 11.89 -9.44
N ASP B 137 4.23 12.39 -10.65
CA ASP B 137 2.86 12.46 -11.16
C ASP B 137 2.73 11.80 -12.54
N VAL B 138 3.65 10.88 -12.90
CA VAL B 138 3.64 10.41 -14.28
C VAL B 138 2.36 9.62 -14.56
N ASP B 139 1.81 9.81 -15.75
CA ASP B 139 0.57 9.13 -16.19
C ASP B 139 -0.63 9.55 -15.37
N HIS B 140 -0.61 10.75 -14.80
CA HIS B 140 -1.75 11.28 -14.06
C HIS B 140 -2.94 11.52 -15.00
N PRO B 141 -4.13 10.99 -14.69
CA PRO B 141 -5.28 11.17 -15.58
C PRO B 141 -6.04 12.46 -15.38
N GLY B 142 -5.60 13.36 -14.48
CA GLY B 142 -6.29 14.60 -14.29
C GLY B 142 -7.51 14.53 -13.39
N VAL B 143 -7.68 13.43 -12.66
CA VAL B 143 -8.72 13.31 -11.65
C VAL B 143 -8.11 12.81 -10.36
N SER B 144 -8.83 13.04 -9.26
CA SER B 144 -8.31 12.77 -7.92
C SER B 144 -8.40 11.29 -7.55
N ASN B 145 -7.69 10.92 -6.47
CA ASN B 145 -7.84 9.57 -5.91
C ASN B 145 -9.28 9.30 -5.54
N GLN B 146 -9.96 10.27 -4.88
CA GLN B 146 -11.37 10.04 -4.52
C GLN B 146 -12.23 9.75 -5.74
N PHE B 147 -12.02 10.48 -6.84
CA PHE B 147 -12.78 10.20 -8.06
C PHE B 147 -12.53 8.79 -8.54
N LEU B 148 -11.25 8.37 -8.52
CA LEU B 148 -10.92 7.03 -8.97
C LEU B 148 -11.58 5.97 -8.11
N ILE B 149 -11.61 6.21 -6.79
CA ILE B 149 -12.24 5.25 -5.89
C ILE B 149 -13.75 5.21 -6.12
N ASN B 150 -14.38 6.38 -6.27
CA ASN B 150 -15.85 6.41 -6.34
C ASN B 150 -16.40 6.00 -7.68
N THR B 151 -15.60 5.99 -8.70
CA THR B 151 -16.02 5.49 -9.98
C THR B 151 -15.65 4.04 -10.16
N ASN B 152 -15.12 3.41 -9.11
CA ASN B 152 -14.73 1.99 -9.15
C ASN B 152 -13.77 1.73 -10.30
N SER B 153 -12.78 2.60 -10.44
CA SER B 153 -11.86 2.51 -11.55
C SER B 153 -10.95 1.29 -11.45
N GLU B 154 -10.32 0.98 -12.58
CA GLU B 154 -9.34 -0.12 -12.56
C GLU B 154 -8.15 0.19 -11.66
N LEU B 155 -7.68 1.44 -11.63
CA LEU B 155 -6.56 1.81 -10.76
C LEU B 155 -6.90 1.60 -9.29
N ALA B 156 -8.11 2.01 -8.87
CA ALA B 156 -8.47 1.85 -7.47
C ALA B 156 -8.64 0.38 -7.15
N LEU B 157 -9.08 -0.42 -8.12
CA LEU B 157 -9.21 -1.86 -7.88
C LEU B 157 -7.83 -2.48 -7.73
N MET B 158 -6.87 -2.04 -8.56
CA MET B 158 -5.52 -2.56 -8.47
CA MET B 158 -5.53 -2.59 -8.46
C MET B 158 -4.89 -2.25 -7.10
N TYR B 159 -5.10 -1.02 -6.61
CA TYR B 159 -4.37 -0.52 -5.45
C TYR B 159 -5.21 -0.47 -4.20
N ASN B 160 -6.38 -1.08 -4.20
CA ASN B 160 -7.11 -1.28 -2.95
C ASN B 160 -7.38 0.06 -2.26
N ASP B 161 -7.69 1.06 -3.09
CA ASP B 161 -8.15 2.39 -2.63
C ASP B 161 -7.09 3.20 -1.87
N SER B 162 -5.85 2.74 -1.82
CA SER B 162 -4.80 3.31 -0.96
C SER B 162 -3.75 3.98 -1.82
N SER B 163 -3.59 5.31 -1.67
CA SER B 163 -2.61 6.07 -2.45
C SER B 163 -2.62 5.63 -3.91
N VAL B 164 -3.84 5.57 -4.48
CA VAL B 164 -4.01 4.94 -5.80
C VAL B 164 -3.10 5.57 -6.84
N LEU B 165 -3.19 6.89 -7.01
CA LEU B 165 -2.39 7.58 -8.03
C LEU B 165 -0.91 7.41 -7.74
N GLU B 166 -0.50 7.63 -6.48
CA GLU B 166 0.92 7.67 -6.16
C GLU B 166 1.57 6.31 -6.36
N ASN B 167 0.85 5.23 -6.04
CA ASN B 167 1.39 3.91 -6.35
C ASN B 167 1.57 3.73 -7.85
N HIS B 168 0.60 4.23 -8.65
CA HIS B 168 0.70 4.07 -10.09
C HIS B 168 1.82 4.92 -10.66
N HIS B 169 2.02 6.16 -10.13
CA HIS B 169 3.13 6.98 -10.64
C HIS B 169 4.44 6.25 -10.43
N LEU B 170 4.63 5.69 -9.23
CA LEU B 170 5.85 4.93 -8.96
C LEU B 170 6.00 3.76 -9.94
N ALA B 171 4.92 2.98 -10.10
CA ALA B 171 5.04 1.75 -10.90
C ALA B 171 5.41 2.10 -12.34
N VAL B 172 4.83 3.17 -12.87
CA VAL B 172 5.15 3.59 -14.23
C VAL B 172 6.57 4.12 -14.30
N GLY B 173 6.93 4.99 -13.37
CA GLY B 173 8.28 5.56 -13.37
C GLY B 173 9.40 4.52 -13.33
N PHE B 174 9.21 3.47 -12.54
CA PHE B 174 10.21 2.40 -12.46
C PHE B 174 10.08 1.46 -13.66
N LYS B 175 8.87 1.18 -14.12
CA LYS B 175 8.77 0.23 -15.26
C LYS B 175 9.46 0.80 -16.49
N LEU B 176 9.42 2.11 -16.66
CA LEU B 176 10.03 2.72 -17.84
C LEU B 176 11.55 2.59 -17.87
N LEU B 177 12.19 2.34 -16.73
CA LEU B 177 13.61 2.05 -16.72
C LEU B 177 13.95 0.80 -17.52
N GLN B 178 12.97 -0.07 -17.74
CA GLN B 178 13.20 -1.34 -18.42
C GLN B 178 13.08 -1.23 -19.94
N GLU B 179 12.71 -0.07 -20.44
CA GLU B 179 12.66 0.13 -21.88
C GLU B 179 14.08 0.21 -22.45
N GLU B 180 14.19 0.04 -23.77
CA GLU B 180 15.51 -0.04 -24.39
C GLU B 180 16.33 1.24 -24.17
N ASN B 181 17.55 1.05 -23.68
CA ASN B 181 18.49 2.13 -23.36
C ASN B 181 17.89 3.15 -22.38
N CYS B 182 17.07 2.68 -21.45
CA CYS B 182 16.50 3.60 -20.46
C CYS B 182 16.98 3.38 -19.04
N ASP B 183 17.90 2.43 -18.78
CA ASP B 183 18.21 2.14 -17.37
C ASP B 183 19.30 3.08 -16.90
N ILE B 184 18.88 4.25 -16.41
CA ILE B 184 19.86 5.24 -15.96
C ILE B 184 20.59 4.82 -14.69
N PHE B 185 20.12 3.78 -14.01
CA PHE B 185 20.77 3.27 -12.81
C PHE B 185 21.61 2.02 -13.06
N GLN B 186 21.89 1.71 -14.32
CA GLN B 186 22.61 0.47 -14.69
C GLN B 186 23.94 0.33 -13.98
N ASN B 187 24.63 1.42 -13.66
CA ASN B 187 25.97 1.33 -13.07
C ASN B 187 25.98 1.61 -11.59
N LEU B 188 24.79 1.77 -11.01
CA LEU B 188 24.69 1.75 -9.56
C LEU B 188 24.92 0.33 -9.12
N THR B 189 25.48 0.21 -7.93
CA THR B 189 25.61 -1.12 -7.42
C THR B 189 24.26 -1.68 -6.96
N LYS B 190 24.26 -2.98 -6.68
CA LYS B 190 23.04 -3.64 -6.23
C LYS B 190 22.49 -2.96 -4.97
N LYS B 191 23.37 -2.63 -4.00
CA LYS B 191 22.81 -2.07 -2.76
C LYS B 191 22.32 -0.68 -3.03
N GLN B 192 23.04 0.07 -3.88
CA GLN B 192 22.64 1.44 -4.16
C GLN B 192 21.28 1.47 -4.82
N ARG B 193 21.03 0.55 -5.77
CA ARG B 193 19.74 0.53 -6.44
C ARG B 193 18.61 0.21 -5.47
N GLN B 194 18.81 -0.77 -4.61
CA GLN B 194 17.82 -1.13 -3.60
C GLN B 194 17.55 0.05 -2.64
N SER B 195 18.59 0.75 -2.24
CA SER B 195 18.40 1.88 -1.34
C SER B 195 17.70 3.04 -2.04
N LEU B 196 18.12 3.36 -3.26
CA LEU B 196 17.44 4.39 -4.04
C LEU B 196 15.96 4.06 -4.24
N ARG B 197 15.67 2.81 -4.61
CA ARG B 197 14.28 2.43 -4.85
C ARG B 197 13.43 2.68 -3.60
N LYS B 198 13.91 2.26 -2.43
CA LYS B 198 13.18 2.44 -1.17
C LYS B 198 12.92 3.92 -0.90
N MET B 199 13.95 4.76 -1.06
CA MET B 199 13.79 6.18 -0.79
C MET B 199 12.80 6.81 -1.77
N VAL B 200 12.90 6.45 -3.04
CA VAL B 200 11.98 7.03 -4.04
C VAL B 200 10.52 6.67 -3.71
N ILE B 201 10.26 5.39 -3.40
CA ILE B 201 8.91 4.96 -3.01
C ILE B 201 8.44 5.77 -1.79
N ASP B 202 9.29 5.88 -0.75
CA ASP B 202 8.91 6.59 0.47
C ASP B 202 8.57 8.05 0.14
N ILE B 203 9.32 8.67 -0.77
CA ILE B 203 9.06 10.08 -1.10
C ILE B 203 7.78 10.23 -1.91
N VAL B 204 7.63 9.45 -3.00
CA VAL B 204 6.46 9.68 -3.84
C VAL B 204 5.16 9.31 -3.11
N LEU B 205 5.14 8.21 -2.32
CA LEU B 205 3.94 7.89 -1.55
C LEU B 205 3.59 9.04 -0.62
N ALA B 206 4.59 9.80 -0.15
CA ALA B 206 4.32 10.92 0.73
C ALA B 206 3.71 12.10 0.01
N THR B 207 3.67 12.10 -1.31
CA THR B 207 3.03 13.22 -2.01
C THR B 207 1.52 13.08 -2.10
N ASP B 208 0.92 11.99 -1.64
CA ASP B 208 -0.52 11.85 -1.56
C ASP B 208 -1.08 12.91 -0.63
N MET B 209 -1.97 13.77 -1.15
CA MET B 209 -2.40 14.87 -0.33
C MET B 209 -3.13 14.42 0.92
N SER B 210 -3.69 13.20 0.93
CA SER B 210 -4.33 12.80 2.17
C SER B 210 -3.34 12.62 3.33
N LYS B 211 -2.05 12.62 3.05
CA LYS B 211 -1.03 12.45 4.09
C LYS B 211 -0.44 13.78 4.58
N HIS B 212 -0.91 14.89 4.04
CA HIS B 212 -0.38 16.22 4.36
C HIS B 212 -0.34 16.48 5.85
N MET B 213 -1.45 16.26 6.55
CA MET B 213 -1.50 16.62 7.96
C MET B 213 -0.50 15.82 8.79
N ASN B 214 -0.45 14.50 8.56
CA ASN B 214 0.54 13.70 9.27
C ASN B 214 1.96 14.13 8.94
N LEU B 215 2.22 14.45 7.67
CA LEU B 215 3.57 14.85 7.29
C LEU B 215 3.95 16.16 7.96
N LEU B 216 3.04 17.11 8.00
CA LEU B 216 3.31 18.39 8.62
C LEU B 216 3.51 18.22 10.12
N ALA B 217 2.72 17.34 10.74
CA ALA B 217 2.90 17.11 12.17
C ALA B 217 4.30 16.63 12.47
N ASP B 218 4.80 15.71 11.66
CA ASP B 218 6.13 15.19 11.88
C ASP B 218 7.19 16.24 11.58
N LEU B 219 6.91 17.15 10.64
CA LEU B 219 7.83 18.24 10.40
C LEU B 219 7.88 19.17 11.61
N LYS B 220 6.72 19.47 12.18
CA LYS B 220 6.69 20.33 13.36
C LYS B 220 7.48 19.71 14.51
N THR B 221 7.27 18.41 14.74
CA THR B 221 8.02 17.74 15.81
C THR B 221 9.51 17.83 15.56
N MET B 222 9.93 17.63 14.32
CA MET B 222 11.35 17.75 14.04
C MET B 222 11.85 19.16 14.33
N VAL B 223 11.08 20.19 13.96
CA VAL B 223 11.46 21.56 14.26
C VAL B 223 11.65 21.75 15.76
N GLU B 224 10.76 21.19 16.57
CA GLU B 224 10.84 21.43 18.02
C GLU B 224 12.08 20.78 18.62
N THR B 225 12.36 19.53 18.24
CA THR B 225 13.54 18.78 18.67
C THR B 225 14.76 19.06 17.81
N LYS B 226 14.69 20.10 16.97
CA LYS B 226 15.76 20.38 16.03
C LYS B 226 17.11 20.60 16.74
N LYS B 227 18.13 19.94 16.20
CA LYS B 227 19.52 20.16 16.62
C LYS B 227 20.32 20.72 15.45
N VAL B 228 21.12 21.73 15.75
CA VAL B 228 21.87 22.46 14.73
C VAL B 228 23.30 22.69 15.20
N THR B 229 24.18 22.97 14.24
CA THR B 229 25.49 23.48 14.58
C THR B 229 25.39 24.91 15.15
N SER B 230 26.55 25.46 15.53
CA SER B 230 26.59 26.81 16.08
C SER B 230 26.23 27.87 15.06
N SER B 231 26.31 27.57 13.77
CA SER B 231 25.89 28.50 12.74
C SER B 231 24.50 28.16 12.20
N GLY B 232 23.77 27.25 12.85
CA GLY B 232 22.39 26.98 12.48
C GLY B 232 22.20 25.96 11.39
N VAL B 233 23.09 24.99 11.26
CA VAL B 233 22.98 23.96 10.23
C VAL B 233 22.41 22.69 10.86
N LEU B 234 21.44 22.09 10.15
CA LEU B 234 20.68 20.93 10.61
C LEU B 234 21.57 19.70 10.76
N LEU B 235 21.37 18.98 11.85
CA LEU B 235 22.04 17.70 12.11
C LEU B 235 20.95 16.64 12.19
N LEU B 236 20.96 15.69 11.27
CA LEU B 236 19.92 14.66 11.19
C LEU B 236 20.60 13.30 11.25
N ASP B 237 20.60 12.66 12.40
CA ASP B 237 21.41 11.46 12.45
C ASP B 237 20.73 10.21 11.91
N ASN B 238 19.42 10.06 12.00
CA ASN B 238 18.87 8.76 11.59
C ASN B 238 18.06 8.86 10.31
N TYR B 239 18.05 7.73 9.59
CA TYR B 239 17.34 7.65 8.31
C TYR B 239 15.91 8.13 8.46
N SER B 240 15.24 7.78 9.55
CA SER B 240 13.84 8.19 9.72
C SER B 240 13.69 9.69 9.62
N ASP B 241 14.57 10.43 10.30
CA ASP B 241 14.46 11.88 10.25
C ASP B 241 14.82 12.39 8.86
N ARG B 242 15.89 11.85 8.26
CA ARG B 242 16.29 12.31 6.93
C ARG B 242 15.22 12.04 5.86
N ILE B 243 14.64 10.84 5.83
CA ILE B 243 13.60 10.61 4.81
C ILE B 243 12.38 11.48 5.08
N GLN B 244 12.03 11.76 6.35
CA GLN B 244 10.95 12.72 6.64
C GLN B 244 11.26 14.08 6.07
N VAL B 245 12.50 14.54 6.17
CA VAL B 245 12.79 15.85 5.61
C VAL B 245 12.68 15.81 4.08
N LEU B 246 13.18 14.74 3.43
CA LEU B 246 13.04 14.61 1.97
C LEU B 246 11.59 14.51 1.54
N GLN B 247 10.77 13.78 2.31
CA GLN B 247 9.32 13.74 2.06
C GLN B 247 8.70 15.13 2.14
N ASN B 248 8.99 15.86 3.20
CA ASN B 248 8.42 17.19 3.31
C ASN B 248 9.00 18.14 2.26
N MET B 249 10.25 17.92 1.85
CA MET B 249 10.85 18.80 0.85
C MET B 249 10.14 18.65 -0.49
N VAL B 250 9.89 17.41 -0.93
CA VAL B 250 9.25 17.24 -2.22
C VAL B 250 7.78 17.62 -2.10
N HIS B 251 7.17 17.44 -0.93
CA HIS B 251 5.80 17.91 -0.72
C HIS B 251 5.72 19.44 -0.80
N CYS B 252 6.68 20.14 -0.17
CA CYS B 252 6.79 21.61 -0.31
C CYS B 252 6.93 22.00 -1.77
N ALA B 253 7.79 21.30 -2.50
CA ALA B 253 7.98 21.60 -3.91
C ALA B 253 6.70 21.38 -4.70
N ASP B 254 5.99 20.30 -4.41
CA ASP B 254 4.70 20.00 -5.03
C ASP B 254 3.69 21.11 -4.74
N LEU B 255 3.77 21.71 -3.55
CA LEU B 255 2.86 22.76 -3.11
C LEU B 255 3.54 24.12 -3.10
N SER B 256 4.37 24.38 -4.11
CA SER B 256 5.13 25.63 -4.18
C SER B 256 4.54 26.66 -5.11
N ASN B 257 3.47 26.37 -5.81
CA ASN B 257 2.98 27.36 -6.77
C ASN B 257 2.70 28.71 -6.14
N PRO B 258 2.03 28.80 -4.99
CA PRO B 258 1.74 30.13 -4.43
C PRO B 258 2.95 30.86 -3.90
N THR B 259 4.11 30.19 -3.77
CA THR B 259 5.33 30.87 -3.34
C THR B 259 6.16 31.42 -4.49
N LYS B 260 5.73 31.22 -5.75
CA LYS B 260 6.43 31.64 -6.95
C LYS B 260 6.03 33.06 -7.32
N PRO B 261 6.84 33.76 -8.12
CA PRO B 261 6.41 35.06 -8.65
C PRO B 261 4.99 34.98 -9.17
N LEU B 262 4.25 36.07 -8.94
CA LEU B 262 2.82 36.05 -9.18
C LEU B 262 2.46 35.64 -10.62
N GLN B 263 3.25 36.07 -11.62
CA GLN B 263 2.88 35.78 -13.00
C GLN B 263 2.90 34.27 -13.24
N LEU B 264 3.78 33.56 -12.55
CA LEU B 264 3.83 32.10 -12.60
C LEU B 264 2.67 31.51 -11.81
N TYR B 265 2.49 31.97 -10.57
CA TYR B 265 1.40 31.44 -9.74
C TYR B 265 0.03 31.56 -10.42
N ARG B 266 -0.26 32.69 -11.04
CA ARG B 266 -1.59 32.83 -11.65
C ARG B 266 -1.81 31.84 -12.79
N GLN B 267 -0.75 31.49 -13.52
CA GLN B 267 -0.88 30.47 -14.54
C GLN B 267 -1.15 29.09 -13.93
N TRP B 268 -0.45 28.77 -12.82
CA TRP B 268 -0.77 27.51 -12.16
C TRP B 268 -2.19 27.48 -11.64
N THR B 269 -2.70 28.61 -11.14
CA THR B 269 -4.09 28.63 -10.68
C THR B 269 -5.05 28.38 -11.82
N ASP B 270 -4.81 29.03 -12.97
CA ASP B 270 -5.66 28.80 -14.14
C ASP B 270 -5.70 27.34 -14.51
N ARG B 271 -4.53 26.68 -14.48
CA ARG B 271 -4.41 25.28 -14.89
C ARG B 271 -5.09 24.33 -13.90
N ILE B 272 -4.89 24.52 -12.60
CA ILE B 272 -5.53 23.58 -11.67
C ILE B 272 -7.04 23.78 -11.70
N MET B 273 -7.50 25.02 -11.87
CA MET B 273 -8.96 25.23 -11.93
C MET B 273 -9.55 24.59 -13.17
N GLU B 274 -8.83 24.65 -14.30
CA GLU B 274 -9.37 23.96 -15.48
C GLU B 274 -9.44 22.46 -15.23
N GLU B 275 -8.40 21.91 -14.61
CA GLU B 275 -8.42 20.49 -14.39
C GLU B 275 -9.54 20.10 -13.45
N PHE B 276 -9.75 20.88 -12.38
CA PHE B 276 -10.80 20.63 -11.42
C PHE B 276 -12.16 20.74 -12.11
N PHE B 277 -12.35 21.76 -12.94
CA PHE B 277 -13.67 21.94 -13.57
C PHE B 277 -13.96 20.80 -14.51
N ARG B 278 -12.95 20.30 -15.22
CA ARG B 278 -13.17 19.13 -16.07
C ARG B 278 -13.53 17.91 -15.23
N GLN B 279 -12.89 17.73 -14.07
CA GLN B 279 -13.32 16.63 -13.22
C GLN B 279 -14.77 16.83 -12.76
N GLY B 280 -15.12 18.05 -12.37
CA GLY B 280 -16.49 18.34 -11.97
C GLY B 280 -17.49 18.14 -13.09
N ASP B 281 -17.10 18.40 -14.34
CA ASP B 281 -18.03 18.14 -15.46
C ASP B 281 -18.30 16.65 -15.58
N ARG B 282 -17.25 15.82 -15.45
CA ARG B 282 -17.41 14.37 -15.51
C ARG B 282 -18.28 13.90 -14.36
N GLU B 283 -18.08 14.47 -13.18
CA GLU B 283 -18.89 14.08 -12.04
C GLU B 283 -20.34 14.48 -12.28
N ARG B 284 -20.56 15.63 -12.92
CA ARG B 284 -21.93 16.04 -13.23
C ARG B 284 -22.54 15.12 -14.30
N GLU B 285 -21.78 14.84 -15.36
CA GLU B 285 -22.32 14.02 -16.44
C GLU B 285 -22.69 12.65 -15.94
N ARG B 286 -21.85 12.08 -15.06
CA ARG B 286 -22.10 10.80 -14.42
C ARG B 286 -23.19 10.88 -13.36
N GLY B 287 -23.61 12.09 -12.99
CA GLY B 287 -24.49 12.23 -11.86
C GLY B 287 -23.87 12.07 -10.49
N MET B 288 -22.60 12.39 -10.35
CA MET B 288 -21.95 12.28 -9.06
C MET B 288 -21.96 13.62 -8.34
N GLU B 289 -21.79 13.55 -7.02
CA GLU B 289 -21.54 14.73 -6.23
C GLU B 289 -20.26 15.41 -6.70
N ILE B 290 -20.33 16.71 -6.96
CA ILE B 290 -19.19 17.42 -7.54
C ILE B 290 -18.20 17.76 -6.43
N SER B 291 -16.91 17.51 -6.70
CA SER B 291 -15.88 17.68 -5.70
C SER B 291 -15.64 19.15 -5.38
N PRO B 292 -15.12 19.44 -4.19
CA PRO B 292 -14.81 20.83 -3.82
C PRO B 292 -13.94 21.49 -4.87
N MET B 293 -14.28 22.76 -5.17
CA MET B 293 -13.60 23.60 -6.15
C MET B 293 -13.78 23.11 -7.58
N CYS B 294 -14.58 22.07 -7.80
CA CYS B 294 -14.70 21.47 -9.12
C CYS B 294 -15.95 21.88 -9.90
N ASP B 295 -16.81 22.73 -9.32
CA ASP B 295 -18.09 23.12 -9.93
C ASP B 295 -17.91 24.48 -10.58
N LYS B 296 -17.78 24.50 -11.91
CA LYS B 296 -17.54 25.75 -12.62
C LYS B 296 -18.72 26.71 -12.51
N HIS B 297 -19.90 26.21 -12.15
CA HIS B 297 -21.07 27.05 -11.97
C HIS B 297 -21.20 27.61 -10.56
N ASN B 298 -20.30 27.23 -9.65
CA ASN B 298 -20.38 27.70 -8.28
C ASN B 298 -18.96 27.76 -7.70
N ALA B 299 -18.08 28.48 -8.37
CA ALA B 299 -16.68 28.53 -7.97
C ALA B 299 -16.35 29.93 -7.46
N SER B 300 -15.40 30.02 -6.54
CA SER B 300 -14.77 31.30 -6.23
C SER B 300 -13.28 31.05 -6.28
N VAL B 301 -12.67 31.27 -7.44
CA VAL B 301 -11.27 30.89 -7.63
C VAL B 301 -10.38 31.60 -6.60
N GLU B 302 -10.63 32.89 -6.39
CA GLU B 302 -9.74 33.68 -5.55
C GLU B 302 -9.89 33.36 -4.09
N LYS B 303 -11.14 33.19 -3.62
CA LYS B 303 -11.33 32.79 -2.25
C LYS B 303 -10.72 31.43 -2.00
N SER B 304 -10.78 30.54 -3.01
CA SER B 304 -10.22 29.21 -2.85
C SER B 304 -8.69 29.29 -2.71
N GLN B 305 -8.05 30.19 -3.46
CA GLN B 305 -6.59 30.34 -3.32
C GLN B 305 -6.23 30.88 -1.94
N VAL B 306 -6.98 31.87 -1.45
CA VAL B 306 -6.66 32.40 -0.13
C VAL B 306 -6.84 31.32 0.93
N GLY B 307 -7.90 30.52 0.81
CA GLY B 307 -8.08 29.42 1.76
C GLY B 307 -7.00 28.37 1.63
N PHE B 308 -6.59 28.05 0.40
CA PHE B 308 -5.50 27.10 0.17
C PHE B 308 -4.23 27.57 0.86
N ILE B 309 -3.91 28.84 0.70
CA ILE B 309 -2.70 29.36 1.34
C ILE B 309 -2.88 29.35 2.86
N ASP B 310 -4.01 29.84 3.36
CA ASP B 310 -4.18 30.01 4.79
C ASP B 310 -4.17 28.67 5.52
N TYR B 311 -4.80 27.64 4.94
CA TYR B 311 -4.96 26.38 5.67
C TYR B 311 -3.92 25.31 5.32
N ILE B 312 -3.27 25.38 4.15
CA ILE B 312 -2.37 24.30 3.71
C ILE B 312 -0.97 24.82 3.46
N VAL B 313 -0.85 25.83 2.57
CA VAL B 313 0.45 26.16 2.02
C VAL B 313 1.25 26.98 3.01
N HIS B 314 0.63 27.94 3.64
CA HIS B 314 1.43 28.77 4.54
C HIS B 314 1.80 27.99 5.80
N PRO B 315 0.91 27.23 6.43
CA PRO B 315 1.37 26.40 7.57
C PRO B 315 2.52 25.49 7.19
N LEU B 316 2.46 24.89 6.00
CA LEU B 316 3.55 24.03 5.58
C LEU B 316 4.84 24.82 5.38
N TRP B 317 4.77 25.94 4.67
CA TRP B 317 5.99 26.65 4.36
C TRP B 317 6.54 27.41 5.57
N GLU B 318 5.67 27.79 6.51
CA GLU B 318 6.15 28.46 7.72
C GLU B 318 6.95 27.48 8.55
N THR B 319 6.47 26.23 8.58
CA THR B 319 7.18 25.18 9.30
C THR B 319 8.50 24.84 8.60
N TRP B 320 8.47 24.66 7.28
CA TRP B 320 9.73 24.49 6.55
C TRP B 320 10.71 25.62 6.83
N ALA B 321 10.22 26.87 6.78
CA ALA B 321 11.10 28.00 7.01
C ALA B 321 11.67 27.99 8.43
N ASP B 322 10.91 27.51 9.42
CA ASP B 322 11.46 27.35 10.77
C ASP B 322 12.53 26.26 10.78
N LEU B 323 12.31 25.15 10.10
CA LEU B 323 13.32 24.12 10.03
C LEU B 323 14.62 24.65 9.42
N VAL B 324 14.51 25.49 8.39
CA VAL B 324 15.73 25.96 7.76
C VAL B 324 16.03 27.43 8.08
N HIS B 325 15.49 27.94 9.19
CA HIS B 325 15.56 29.36 9.54
C HIS B 325 16.98 29.89 9.42
N PRO B 326 17.20 31.00 8.72
CA PRO B 326 16.19 31.82 8.03
C PRO B 326 16.25 31.74 6.49
N ASP B 327 16.69 30.61 5.94
CA ASP B 327 17.00 30.57 4.51
C ASP B 327 15.76 30.56 3.61
N ALA B 328 14.60 30.28 4.16
CA ALA B 328 13.42 30.25 3.29
C ALA B 328 12.70 31.58 3.29
N GLN B 329 13.31 32.60 3.89
CA GLN B 329 12.66 33.89 4.07
C GLN B 329 12.13 34.48 2.77
N ASP B 330 12.90 34.41 1.67
CA ASP B 330 12.45 35.09 0.46
C ASP B 330 11.23 34.37 -0.15
N ILE B 331 11.23 33.04 -0.06
CA ILE B 331 10.10 32.24 -0.54
C ILE B 331 8.85 32.56 0.26
N LEU B 332 8.98 32.58 1.57
CA LEU B 332 7.86 32.91 2.44
C LEU B 332 7.36 34.32 2.17
N ASP B 333 8.29 35.27 1.91
CA ASP B 333 7.87 36.64 1.57
C ASP B 333 7.03 36.65 0.32
N THR B 334 7.44 35.90 -0.71
CA THR B 334 6.64 35.88 -1.94
C THR B 334 5.26 35.29 -1.68
N LEU B 335 5.17 34.21 -0.88
CA LEU B 335 3.89 33.60 -0.54
C LEU B 335 2.97 34.60 0.14
N GLU B 336 3.51 35.38 1.08
CA GLU B 336 2.71 36.33 1.81
C GLU B 336 2.25 37.48 0.91
N ASP B 337 3.12 37.93 0.01
CA ASP B 337 2.73 38.96 -0.97
C ASP B 337 1.61 38.44 -1.85
N ASN B 338 1.71 37.17 -2.29
CA ASN B 338 0.74 36.64 -3.23
C ASN B 338 -0.60 36.43 -2.56
N ARG B 339 -0.58 36.05 -1.28
CA ARG B 339 -1.80 35.92 -0.53
C ARG B 339 -2.49 37.28 -0.41
N GLU B 340 -1.74 38.32 -0.11
CA GLU B 340 -2.31 39.66 -0.03
C GLU B 340 -2.93 40.08 -1.36
N TRP B 341 -2.24 39.78 -2.46
CA TRP B 341 -2.78 40.16 -3.76
C TRP B 341 -4.08 39.42 -4.05
N TYR B 342 -4.10 38.08 -3.92
CA TYR B 342 -5.34 37.36 -4.20
C TYR B 342 -6.47 37.83 -3.30
N GLN B 343 -6.17 38.14 -2.01
CA GLN B 343 -7.22 38.68 -1.14
C GLN B 343 -7.74 40.00 -1.67
N SER B 344 -6.86 40.82 -2.22
CA SER B 344 -7.35 42.09 -2.71
C SER B 344 -8.24 41.95 -3.96
N THR B 345 -8.22 40.81 -4.68
CA THR B 345 -9.08 40.63 -5.83
C THR B 345 -10.49 40.20 -5.43
N ILE B 346 -10.72 39.96 -4.14
CA ILE B 346 -12.04 39.63 -3.62
C ILE B 346 -12.72 40.93 -3.20
N PRO B 347 -13.85 41.30 -3.78
CA PRO B 347 -14.53 42.56 -3.41
C PRO B 347 -15.26 42.55 -2.07
ZN ZN C . -2.59 -17.70 4.31
MG MG D . -0.87 -14.76 2.74
C4 FTX E . 5.95 -21.30 8.52
C14 FTX E . 5.91 -17.00 8.37
C5 FTX E . 4.91 -20.64 7.85
C6 FTX E . 3.69 -21.28 7.69
C11 FTX E . 7.92 -22.66 9.99
C7 FTX E . 5.13 -19.24 7.29
C8 FTX E . 2.72 -19.14 6.85
C9 FTX E . 2.53 -20.63 6.98
C10 FTX E . 3.23 -25.20 9.20
C12 FTX E . 4.33 -18.43 5.10
C13 FTX E . 5.09 -18.26 8.48
N1 FTX E . 4.07 -18.88 6.35
N2 FTX E . 7.41 -15.48 7.69
C3 FTX E . 5.75 -22.56 9.06
C1 FTX E . 3.51 -22.58 8.21
C15 FTX E . 6.87 -16.71 7.44
C16 FTX E . 6.81 -14.94 8.82
C17 FTX E . 5.86 -15.87 9.27
C18 FTX E . 6.99 -13.73 9.48
C19 FTX E . 6.22 -13.46 10.60
C2 FTX E . 4.53 -23.23 8.86
C20 FTX E . 5.28 -14.37 11.06
C21 FTX E . 5.09 -15.58 10.41
O1 FTX E . 4.45 -24.47 9.42
O2 FTX E . 6.68 -23.32 9.72
O3 FTX E . 5.44 -18.11 4.75
CL1 FTX E . 8.14 -12.57 8.93
C1 EDO F . -8.67 1.39 2.38
O1 EDO F . -10.00 1.92 2.30
C2 EDO F . -8.70 0.43 3.53
O2 EDO F . -8.58 1.16 4.77
C1 EDO G . -3.44 -2.45 7.28
O1 EDO G . -4.56 -3.34 7.25
C2 EDO G . -2.17 -3.29 7.40
O2 EDO G . -2.30 -4.10 8.57
C1 EDO H . -18.40 -5.00 -2.31
O1 EDO H . -18.94 -4.49 -3.54
C2 EDO H . -16.93 -5.18 -2.59
O2 EDO H . -16.49 -3.97 -3.21
C1 EDO I . 0.46 -35.41 20.57
O1 EDO I . -0.36 -35.26 21.73
C2 EDO I . 0.51 -34.00 19.97
O2 EDO I . -0.78 -33.35 19.98
C1 EDO J . 9.17 -36.01 12.81
O1 EDO J . 9.23 -36.89 11.68
C2 EDO J . 8.45 -34.74 12.42
O2 EDO J . 9.11 -34.10 11.32
C1 EDO K . -4.64 -28.36 -4.37
O1 EDO K . -5.65 -27.80 -5.25
C2 EDO K . -4.80 -29.85 -4.08
O2 EDO K . -6.11 -30.12 -3.57
C1 EDO L . -29.02 -5.58 1.88
O1 EDO L . -28.68 -5.65 3.27
C2 EDO L . -29.32 -6.98 1.36
O2 EDO L . -30.50 -7.53 1.96
C1 EDO M . -20.55 -2.72 10.51
O1 EDO M . -21.75 -3.33 10.04
C2 EDO M . -19.77 -2.14 9.33
O2 EDO M . -20.51 -1.07 8.72
C1 EDO N . 9.60 -17.74 3.90
O1 EDO N . 10.00 -17.85 2.53
C2 EDO N . 10.62 -18.58 4.63
O2 EDO N . 11.91 -17.96 4.54
ZN ZN O . 2.39 16.95 -8.16
MG MG P . 0.51 13.81 -7.20
C4 FTX Q . -5.08 23.18 -5.17
C14 FTX Q . -4.89 19.67 -2.67
C5 FTX Q . -4.17 22.15 -5.49
C6 FTX Q . -3.04 22.46 -6.25
C11 FTX Q . -6.78 25.28 -4.47
C7 FTX Q . -4.44 20.73 -5.00
C8 FTX Q . -2.16 20.19 -5.73
C9 FTX Q . -2.05 21.39 -6.63
C10 FTX Q . -2.50 26.41 -7.64
C12 FTX Q . -4.02 18.67 -6.31
C13 FTX Q . -4.19 20.72 -3.49
N1 FTX Q . -3.56 19.78 -5.70
N2 FTX Q . -6.33 18.10 -2.00
C3 FTX Q . -4.85 24.46 -5.59
C1 FTX Q . -2.83 23.77 -6.69
C15 FTX Q . -5.97 18.92 -3.03
C16 FTX Q . -5.50 18.30 -0.93
C17 FTX Q . -4.56 19.28 -1.30
C18 FTX Q . -5.44 17.73 0.35
C19 FTX Q . -4.46 18.14 1.23
C2 FTX Q . -3.71 24.77 -6.36
C20 FTX Q . -3.54 19.10 0.85
C21 FTX Q . -3.58 19.68 -0.39
O1 FTX Q . -3.56 26.09 -6.73
O2 FTX Q . -5.66 25.53 -5.32
O3 FTX Q . -5.20 18.37 -6.36
CL1 FTX Q . -6.58 16.52 0.83
C1 EDO R . 8.65 0.96 1.15
O1 EDO R . 9.59 1.67 1.96
C2 EDO R . 9.40 0.22 0.05
O2 EDO R . 10.37 -0.69 0.58
C1 EDO S . -10.45 18.84 -5.87
O1 EDO S . -11.29 18.64 -4.71
C2 EDO S . -10.07 17.52 -6.53
O2 EDO S . -9.42 16.70 -5.54
C1 EDO T . 4.47 15.65 -23.27
O1 EDO T . 4.51 15.44 -21.85
C2 EDO T . 4.04 14.33 -23.89
O2 EDO T . 2.75 13.89 -23.49
#